data_6LGI
#
_entry.id   6LGI
#
_cell.length_a   65.405
_cell.length_b   147.055
_cell.length_c   153.544
_cell.angle_alpha   90.000
_cell.angle_beta   90.000
_cell.angle_gamma   90.000
#
_symmetry.space_group_name_H-M   'P 21 21 21'
#
loop_
_entity.id
_entity.type
_entity.pdbx_description
1 polymer 'Sucrose hydrolase'
2 non-polymer 'MAGNESIUM ION'
3 non-polymer 'CALCIUM ION'
4 non-polymer beta-D-glucopyranose
5 non-polymer beta-D-fructofuranose
6 non-polymer beta-D-fructopyranose
7 non-polymer 'ACETATE ION'
8 water water
#
_entity_poly.entity_id   1
_entity_poly.type   'polypeptide(L)'
_entity_poly.pdbx_seq_one_letter_code
;MGSSHHHHHHSSGLVPRGSHMSNQNAPTPPPTEVIQLDWWKNCVLYQIYPRSFKDSDGDGIGDLKGIISELKHFVDAGVD
AIWMSPIFESPMVDFGYDISNFYDIHYEYGTMEDFEELLDKAHELGLKVLLDFVPNHASNESEYFIKSEAREPGYENFFI
WADPLPNPENPGVRLPPSNWVSQFGGSAWEWSEKRQQYYLHQFAIQQVDFDFRNPAVKQEMFNIMKFWLDKGADGFRLDA
LPYLIEADPADHEGRYPDDPLSGLTQFESHQLGYTIPLYTKDLIELYDVVYEWREFLDEYNKNHGGDTRVVFSQGYANVS
MTMLYYGNEDGAIGAHFPFNFDFITDLSSKSNARDFVYIILRWLTYMPYGGIPNWVFGNHDNNRMPTRFRHDMVDGLNII
NMLLPGVAVTYQGEEIGMRDGYVSWEDTVDIEACNRGDPDTYHLYSRDPARTPYHWDNSTSAGFSTSTNTWLPVAEDYQE
INLAKQKETARSHFKNYQALTKLRKQATLSHGEYDIRALSDRTFYLVRSLPTHDTYVLLFNVSERRDTVDLGRVPHLTLP
ATVYVSSIHSARLAGHEITSSQLSLEAGEALVLKAQPI
;
_entity_poly.pdbx_strand_id   A,B
#
loop_
_chem_comp.id
_chem_comp.type
_chem_comp.name
_chem_comp.formula
ACT non-polymer 'ACETATE ION' 'C2 H3 O2 -1'
BDF D-saccharide, beta linking beta-D-fructopyranose 'C6 H12 O6'
BGC D-saccharide, beta linking beta-D-glucopyranose 'C6 H12 O6'
CA non-polymer 'CALCIUM ION' 'Ca 2'
FRU D-saccharide, beta linking beta-D-fructofuranose 'C6 H12 O6'
MG non-polymer 'MAGNESIUM ION' 'Mg 2'
#
# COMPACT_ATOMS: atom_id res chain seq x y z
N PRO A 29 35.58 8.17 21.59
CA PRO A 29 34.36 8.01 22.43
C PRO A 29 33.96 6.54 22.55
N PRO A 30 34.20 5.87 23.71
CA PRO A 30 34.21 4.39 23.77
C PRO A 30 32.80 3.82 23.62
N PRO A 31 32.62 2.59 23.09
CA PRO A 31 31.29 2.13 22.71
C PRO A 31 30.36 2.12 23.94
N THR A 32 29.17 2.73 23.86
CA THR A 32 28.11 2.68 24.92
C THR A 32 27.71 1.23 25.24
N GLU A 33 27.34 0.98 26.48
CA GLU A 33 26.78 -0.30 26.96
C GLU A 33 25.30 -0.30 26.55
N VAL A 34 24.85 -1.35 25.90
CA VAL A 34 23.39 -1.57 25.66
C VAL A 34 22.87 -2.63 26.66
N ILE A 35 21.59 -2.53 27.03
CA ILE A 35 20.89 -3.52 27.91
C ILE A 35 20.53 -4.71 27.03
N GLN A 36 20.93 -5.92 27.41
CA GLN A 36 20.58 -7.20 26.73
C GLN A 36 19.06 -7.32 26.63
N LEU A 37 18.57 -7.74 25.46
CA LEU A 37 17.11 -7.90 25.24
C LEU A 37 16.72 -9.30 25.66
N ASP A 38 15.49 -9.46 26.13
CA ASP A 38 14.87 -10.79 26.31
C ASP A 38 15.04 -11.53 24.98
N TRP A 39 15.28 -12.83 25.07
CA TRP A 39 15.76 -13.72 23.99
C TRP A 39 14.86 -13.62 22.73
N TRP A 40 13.55 -13.43 22.94
CA TRP A 40 12.53 -13.58 21.89
C TRP A 40 12.44 -12.26 21.10
N LYS A 41 13.11 -11.20 21.54
CA LYS A 41 13.03 -9.88 20.88
C LYS A 41 13.97 -9.82 19.69
N ASN A 42 15.01 -10.68 19.60
CA ASN A 42 15.99 -10.59 18.50
C ASN A 42 16.54 -11.99 18.21
N CYS A 43 15.75 -13.01 18.46
CA CYS A 43 16.22 -14.39 18.14
C CYS A 43 16.24 -14.57 16.62
N VAL A 44 17.11 -15.44 16.13
CA VAL A 44 16.97 -16.11 14.81
C VAL A 44 16.12 -17.35 15.05
N LEU A 45 14.94 -17.35 14.46
CA LEU A 45 13.91 -18.41 14.65
C LEU A 45 13.90 -19.27 13.39
N TYR A 46 14.18 -20.58 13.53
CA TYR A 46 14.22 -21.57 12.44
C TYR A 46 13.03 -22.52 12.55
N GLN A 47 12.27 -22.58 11.48
CA GLN A 47 11.13 -23.51 11.33
C GLN A 47 11.65 -24.86 10.78
N ILE A 48 11.64 -25.86 11.64
CA ILE A 48 11.85 -27.26 11.19
C ILE A 48 10.53 -27.83 10.66
N TYR A 49 10.59 -28.54 9.53
CA TYR A 49 9.46 -29.36 9.05
C TYR A 49 9.82 -30.81 9.31
N PRO A 50 9.46 -31.35 10.49
CA PRO A 50 10.04 -32.61 10.96
C PRO A 50 9.99 -33.72 9.91
N ARG A 51 8.93 -33.80 9.11
CA ARG A 51 8.79 -34.91 8.15
C ARG A 51 9.92 -34.88 7.11
N SER A 52 10.58 -33.73 6.89
CA SER A 52 11.51 -33.51 5.76
C SER A 52 12.90 -33.08 6.25
N PHE A 53 13.13 -33.06 7.57
CA PHE A 53 14.40 -32.60 8.14
C PHE A 53 15.42 -33.76 8.08
N LYS A 54 15.26 -34.79 8.89
CA LYS A 54 16.28 -35.85 8.93
C LYS A 54 15.57 -37.13 9.37
N ASP A 55 15.70 -38.12 8.50
CA ASP A 55 15.19 -39.50 8.74
C ASP A 55 16.34 -40.35 9.32
N SER A 56 16.16 -40.80 10.57
CA SER A 56 17.16 -41.58 11.32
C SER A 56 16.96 -43.08 11.09
N ASP A 57 15.81 -43.53 10.60
CA ASP A 57 15.46 -44.97 10.72
C ASP A 57 15.10 -45.58 9.37
N GLY A 58 15.37 -44.89 8.26
CA GLY A 58 15.34 -45.44 6.91
C GLY A 58 13.96 -45.72 6.36
N ASP A 59 12.92 -45.07 6.89
CA ASP A 59 11.55 -45.23 6.36
C ASP A 59 11.18 -44.09 5.39
N GLY A 60 12.11 -43.18 5.11
CA GLY A 60 11.90 -42.08 4.16
C GLY A 60 11.09 -40.94 4.77
N ILE A 61 10.86 -41.03 6.07
CA ILE A 61 10.10 -40.06 6.88
C ILE A 61 11.03 -39.45 7.92
N GLY A 62 11.10 -38.11 7.93
CA GLY A 62 11.84 -37.41 8.97
C GLY A 62 11.29 -37.68 10.36
N ASP A 63 12.11 -37.67 11.39
CA ASP A 63 11.64 -38.13 12.72
C ASP A 63 12.42 -37.41 13.79
N LEU A 64 12.02 -37.55 15.05
CA LEU A 64 12.62 -36.79 16.17
C LEU A 64 14.08 -37.22 16.40
N LYS A 65 14.41 -38.51 16.30
CA LYS A 65 15.82 -38.93 16.48
C LYS A 65 16.69 -38.26 15.44
N GLY A 66 16.13 -38.07 14.24
CA GLY A 66 16.79 -37.32 13.17
C GLY A 66 17.08 -35.87 13.58
N ILE A 67 16.10 -35.18 14.16
CA ILE A 67 16.30 -33.79 14.63
C ILE A 67 17.36 -33.79 15.72
N ILE A 68 17.28 -34.69 16.70
CA ILE A 68 18.26 -34.77 17.81
C ILE A 68 19.67 -34.89 17.23
N SER A 69 19.83 -35.72 16.19
CA SER A 69 21.14 -36.05 15.59
C SER A 69 21.75 -34.79 14.97
N GLU A 70 20.95 -33.75 14.71
CA GLU A 70 21.40 -32.57 13.96
C GLU A 70 21.13 -31.29 14.72
N LEU A 71 20.93 -31.35 16.02
CA LEU A 71 20.70 -30.11 16.82
C LEU A 71 21.95 -29.23 16.75
N LYS A 72 23.14 -29.81 16.58
CA LYS A 72 24.40 -29.02 16.50
C LYS A 72 24.32 -28.11 15.28
N HIS A 73 23.48 -28.46 14.29
CA HIS A 73 23.36 -27.67 13.04
C HIS A 73 22.88 -26.28 13.43
N PHE A 74 22.04 -26.21 14.45
CA PHE A 74 21.43 -24.87 14.76
C PHE A 74 22.52 -24.00 15.40
N VAL A 75 23.32 -24.61 16.25
CA VAL A 75 24.45 -23.89 16.89
C VAL A 75 25.40 -23.42 15.80
N ASP A 76 25.74 -24.27 14.84
CA ASP A 76 26.65 -23.98 13.69
C ASP A 76 26.06 -22.84 12.86
N ALA A 77 24.74 -22.81 12.68
CA ALA A 77 24.08 -21.79 11.84
C ALA A 77 23.89 -20.46 12.57
N GLY A 78 23.98 -20.40 13.89
CA GLY A 78 23.70 -19.17 14.66
C GLY A 78 22.19 -18.98 14.84
N VAL A 79 21.43 -20.08 14.84
CA VAL A 79 19.97 -20.10 15.17
C VAL A 79 19.81 -20.09 16.67
N ASP A 80 18.94 -19.25 17.22
CA ASP A 80 18.68 -19.21 18.68
C ASP A 80 17.51 -20.11 19.14
N ALA A 81 16.50 -20.24 18.29
CA ALA A 81 15.21 -20.86 18.64
C ALA A 81 14.76 -21.66 17.42
N ILE A 82 14.25 -22.85 17.71
CA ILE A 82 13.62 -23.70 16.68
C ILE A 82 12.15 -23.87 17.02
N TRP A 83 11.32 -23.90 15.97
N TRP A 83 11.35 -24.00 15.96
CA TRP A 83 9.92 -24.36 16.06
CA TRP A 83 9.88 -24.30 16.01
C TRP A 83 9.77 -25.53 15.12
C TRP A 83 9.63 -25.46 15.06
N MET A 84 9.03 -26.55 15.55
CA MET A 84 8.69 -27.70 14.74
C MET A 84 7.22 -27.63 14.28
N SER A 85 6.99 -27.75 12.99
CA SER A 85 5.63 -28.10 12.47
C SER A 85 5.14 -29.33 13.24
N PRO A 86 3.83 -29.56 13.30
CA PRO A 86 3.27 -30.44 14.31
C PRO A 86 3.83 -31.86 14.38
N ILE A 87 4.00 -32.33 15.60
CA ILE A 87 4.53 -33.70 15.88
C ILE A 87 3.58 -34.45 16.80
N PHE A 88 2.38 -33.91 17.04
CA PHE A 88 1.32 -34.60 17.82
C PHE A 88 0.62 -35.70 16.97
N GLU A 89 -0.04 -36.64 17.65
CA GLU A 89 -0.73 -37.75 16.98
C GLU A 89 -1.70 -37.17 15.95
N SER A 90 -1.67 -37.70 14.76
CA SER A 90 -2.38 -37.14 13.60
C SER A 90 -2.54 -38.23 12.55
N PRO A 91 -3.74 -38.38 11.97
CA PRO A 91 -3.88 -39.20 10.75
C PRO A 91 -3.14 -38.73 9.50
N MET A 92 -2.52 -37.56 9.57
CA MET A 92 -1.61 -37.02 8.52
C MET A 92 -2.37 -36.59 7.26
N VAL A 93 -3.69 -36.36 7.35
CA VAL A 93 -4.46 -35.84 6.21
C VAL A 93 -3.84 -34.52 5.78
N ASP A 94 -3.49 -33.68 6.74
CA ASP A 94 -2.84 -32.35 6.51
C ASP A 94 -1.44 -32.35 7.15
N PHE A 95 -0.80 -33.50 7.10
CA PHE A 95 0.58 -33.72 7.60
C PHE A 95 0.80 -33.03 8.96
N GLY A 96 -0.09 -33.31 9.89
CA GLY A 96 0.05 -33.00 11.31
C GLY A 96 -0.88 -31.88 11.76
N TYR A 97 -1.45 -31.11 10.84
CA TYR A 97 -2.36 -30.01 11.23
C TYR A 97 -3.79 -30.60 11.40
N ASP A 98 -3.95 -31.92 11.23
CA ASP A 98 -5.17 -32.66 11.66
C ASP A 98 -4.82 -33.47 12.89
N ILE A 99 -5.01 -32.93 14.08
CA ILE A 99 -4.48 -33.56 15.33
C ILE A 99 -5.58 -34.38 15.99
N SER A 100 -5.25 -35.61 16.34
CA SER A 100 -6.21 -36.59 16.91
C SER A 100 -5.92 -36.75 18.41
N ASN A 101 -4.72 -36.41 18.88
CA ASN A 101 -4.41 -36.38 20.33
C ASN A 101 -3.36 -35.30 20.56
N PHE A 102 -3.73 -34.20 21.23
CA PHE A 102 -2.87 -33.03 21.47
C PHE A 102 -1.86 -33.30 22.59
N TYR A 103 -1.80 -34.51 23.13
CA TYR A 103 -0.99 -34.77 24.33
C TYR A 103 0.02 -35.88 24.09
N ASP A 104 0.23 -36.30 22.86
CA ASP A 104 1.22 -37.37 22.61
C ASP A 104 1.78 -37.21 21.22
N ILE A 105 2.87 -37.91 20.96
CA ILE A 105 3.72 -37.77 19.76
C ILE A 105 3.23 -38.73 18.69
N HIS A 106 3.16 -38.22 17.48
CA HIS A 106 2.90 -39.00 16.29
C HIS A 106 3.93 -40.14 16.16
N TYR A 107 3.44 -41.35 16.01
CA TYR A 107 4.31 -42.57 16.07
C TYR A 107 5.40 -42.52 15.02
N GLU A 108 5.15 -42.04 13.79
CA GLU A 108 6.15 -42.05 12.71
C GLU A 108 7.34 -41.18 13.12
N TYR A 109 7.11 -40.14 13.93
CA TYR A 109 8.18 -39.21 14.36
C TYR A 109 8.94 -39.73 15.58
N GLY A 110 8.27 -40.51 16.41
CA GLY A 110 8.87 -41.06 17.63
C GLY A 110 7.88 -41.14 18.77
N THR A 111 8.46 -41.10 19.97
CA THR A 111 7.75 -41.28 21.23
C THR A 111 7.86 -40.02 22.07
N MET A 112 7.09 -39.98 23.13
CA MET A 112 7.18 -38.91 24.12
C MET A 112 8.64 -38.87 24.66
N GLU A 113 9.28 -40.04 24.82
CA GLU A 113 10.64 -40.05 25.40
C GLU A 113 11.60 -39.37 24.41
N ASP A 114 11.47 -39.60 23.09
CA ASP A 114 12.29 -38.92 22.06
C ASP A 114 12.06 -37.41 22.16
N PHE A 115 10.83 -36.97 22.36
CA PHE A 115 10.56 -35.52 22.51
C PHE A 115 11.27 -34.95 23.75
N GLU A 116 11.19 -35.66 24.89
CA GLU A 116 11.86 -35.19 26.14
C GLU A 116 13.39 -35.16 25.93
N GLU A 117 13.94 -36.13 25.19
CA GLU A 117 15.38 -36.14 24.82
C GLU A 117 15.68 -34.90 23.95
N LEU A 118 14.87 -34.64 22.92
CA LEU A 118 15.03 -33.45 22.03
C LEU A 118 15.10 -32.15 22.86
N LEU A 119 14.18 -31.98 23.77
CA LEU A 119 14.07 -30.75 24.60
C LEU A 119 15.32 -30.62 25.47
N ASP A 120 15.73 -31.74 26.08
CA ASP A 120 16.94 -31.84 26.91
C ASP A 120 18.19 -31.45 26.12
N LYS A 121 18.42 -32.08 24.97
CA LYS A 121 19.68 -31.81 24.24
C LYS A 121 19.62 -30.41 23.65
N ALA A 122 18.46 -29.98 23.17
CA ALA A 122 18.35 -28.62 22.63
C ALA A 122 18.67 -27.57 23.70
N HIS A 123 18.10 -27.71 24.88
CA HIS A 123 18.32 -26.73 25.98
C HIS A 123 19.79 -26.77 26.42
N GLU A 124 20.37 -27.97 26.45
CA GLU A 124 21.80 -28.16 26.79
C GLU A 124 22.65 -27.31 25.84
N LEU A 125 22.27 -27.26 24.56
CA LEU A 125 23.00 -26.54 23.49
C LEU A 125 22.64 -25.04 23.51
N GLY A 126 21.77 -24.59 24.43
CA GLY A 126 21.36 -23.19 24.58
C GLY A 126 20.19 -22.79 23.66
N LEU A 127 19.58 -23.74 22.95
CA LEU A 127 18.44 -23.46 22.02
C LEU A 127 17.14 -23.32 22.79
N LYS A 128 16.22 -22.53 22.25
CA LYS A 128 14.80 -22.52 22.65
C LYS A 128 14.00 -23.39 21.67
N VAL A 129 12.97 -24.05 22.18
CA VAL A 129 12.14 -24.99 21.38
C VAL A 129 10.66 -24.63 21.53
N LEU A 130 10.04 -24.30 20.41
CA LEU A 130 8.61 -23.97 20.36
C LEU A 130 7.90 -25.09 19.64
N LEU A 131 6.67 -25.33 20.06
CA LEU A 131 5.74 -26.29 19.45
C LEU A 131 4.69 -25.54 18.66
N ASP A 132 4.18 -26.23 17.65
CA ASP A 132 3.17 -25.71 16.73
C ASP A 132 1.90 -26.51 16.92
N PHE A 133 0.77 -25.83 16.97
CA PHE A 133 -0.52 -26.55 16.75
C PHE A 133 -1.54 -25.53 16.29
N VAL A 134 -2.70 -26.05 15.91
CA VAL A 134 -3.70 -25.19 15.26
C VAL A 134 -4.92 -25.22 16.16
N PRO A 135 -5.14 -24.21 17.02
CA PRO A 135 -6.30 -24.23 17.89
C PRO A 135 -7.63 -24.34 17.17
N ASN A 136 -7.71 -23.92 15.91
CA ASN A 136 -9.01 -23.82 15.23
C ASN A 136 -9.74 -25.17 15.17
N HIS A 137 -9.02 -26.31 15.07
CA HIS A 137 -9.73 -27.56 14.65
C HIS A 137 -8.96 -28.80 15.12
N ALA A 138 -9.71 -29.86 15.28
CA ALA A 138 -9.20 -31.22 15.57
C ALA A 138 -9.52 -32.17 14.43
N SER A 139 -8.74 -33.24 14.34
CA SER A 139 -9.02 -34.42 13.50
C SER A 139 -10.43 -34.96 13.85
N ASN A 140 -11.13 -35.43 12.85
CA ASN A 140 -12.39 -36.21 13.04
C ASN A 140 -12.05 -37.56 13.69
N GLU A 141 -10.78 -37.89 13.87
CA GLU A 141 -10.39 -39.14 14.58
C GLU A 141 -10.04 -38.80 16.02
N SER A 142 -10.16 -37.54 16.45
CA SER A 142 -9.92 -37.16 17.87
C SER A 142 -11.06 -37.75 18.72
N GLU A 143 -10.77 -38.05 19.97
CA GLU A 143 -11.78 -38.44 21.00
C GLU A 143 -12.77 -37.28 21.12
N TYR A 144 -12.29 -36.04 21.04
CA TYR A 144 -13.22 -34.89 21.15
C TYR A 144 -14.35 -35.06 20.13
N PHE A 145 -14.00 -35.33 18.87
CA PHE A 145 -15.02 -35.33 17.79
C PHE A 145 -15.92 -36.57 17.92
N ILE A 146 -15.31 -37.73 18.14
CA ILE A 146 -16.07 -39.01 18.26
C ILE A 146 -17.12 -38.92 19.36
N LYS A 147 -16.74 -38.38 20.52
CA LYS A 147 -17.67 -38.11 21.65
C LYS A 147 -18.67 -37.00 21.27
N SER A 148 -18.24 -35.92 20.62
CA SER A 148 -19.13 -34.79 20.22
C SER A 148 -20.21 -35.27 19.24
N GLU A 149 -19.81 -36.03 18.20
CA GLU A 149 -20.75 -36.61 17.21
C GLU A 149 -21.74 -37.56 17.93
N ALA A 150 -21.31 -38.23 19.00
CA ALA A 150 -22.13 -39.21 19.75
C ALA A 150 -22.97 -38.45 20.79
N ARG A 151 -22.85 -37.13 20.86
CA ARG A 151 -23.55 -36.27 21.86
C ARG A 151 -23.24 -36.74 23.26
N GLU A 152 -22.01 -37.13 23.54
CA GLU A 152 -21.63 -37.44 24.92
C GLU A 152 -21.64 -36.17 25.77
N PRO A 153 -22.02 -36.30 27.05
CA PRO A 153 -22.16 -35.12 27.92
C PRO A 153 -20.80 -34.39 28.00
N GLY A 154 -20.83 -33.06 27.86
CA GLY A 154 -19.64 -32.21 27.90
C GLY A 154 -19.06 -31.97 26.52
N TYR A 155 -19.28 -32.90 25.57
CA TYR A 155 -18.66 -32.85 24.22
C TYR A 155 -19.65 -32.37 23.16
N GLU A 156 -20.93 -32.33 23.52
CA GLU A 156 -21.99 -32.13 22.52
C GLU A 156 -21.69 -30.86 21.72
N ASN A 157 -21.20 -29.81 22.38
CA ASN A 157 -21.04 -28.45 21.81
C ASN A 157 -19.55 -28.11 21.66
N PHE A 158 -18.67 -29.10 21.68
CA PHE A 158 -17.22 -28.87 21.46
C PHE A 158 -16.97 -28.34 20.05
N PHE A 159 -17.76 -28.74 19.07
CA PHE A 159 -17.61 -28.31 17.65
C PHE A 159 -18.83 -27.52 17.22
N ILE A 160 -18.71 -26.81 16.10
CA ILE A 160 -19.86 -26.06 15.50
C ILE A 160 -20.74 -27.07 14.77
N TRP A 161 -21.90 -27.38 15.36
CA TRP A 161 -22.91 -28.32 14.81
C TRP A 161 -24.15 -27.52 14.41
N ALA A 162 -24.69 -27.76 13.23
CA ALA A 162 -25.87 -26.99 12.75
C ALA A 162 -26.90 -27.91 12.09
N ASP A 163 -28.16 -27.50 12.25
CA ASP A 163 -29.28 -28.13 11.54
C ASP A 163 -29.21 -27.71 10.08
N PRO A 164 -29.83 -28.49 9.17
CA PRO A 164 -29.99 -28.06 7.78
C PRO A 164 -30.76 -26.74 7.75
N LEU A 165 -30.55 -25.99 6.69
CA LEU A 165 -31.26 -24.70 6.55
C LEU A 165 -32.70 -25.09 6.25
N PRO A 166 -33.70 -24.60 6.99
CA PRO A 166 -35.10 -24.86 6.64
C PRO A 166 -35.38 -24.45 5.20
N ASN A 167 -36.21 -25.27 4.56
CA ASN A 167 -36.51 -25.22 3.11
C ASN A 167 -38.01 -25.03 2.97
N PRO A 168 -38.53 -23.79 3.07
CA PRO A 168 -39.97 -23.58 2.99
C PRO A 168 -40.53 -24.01 1.62
N GLU A 169 -39.73 -23.97 0.56
CA GLU A 169 -40.20 -24.34 -0.80
C GLU A 169 -40.52 -25.83 -0.81
N ASN A 170 -39.63 -26.69 -0.31
CA ASN A 170 -39.89 -28.15 -0.25
C ASN A 170 -39.34 -28.66 1.07
N PRO A 171 -40.15 -28.65 2.14
CA PRO A 171 -39.71 -29.07 3.46
C PRO A 171 -39.01 -30.41 3.40
N GLY A 172 -37.88 -30.53 4.10
CA GLY A 172 -37.16 -31.80 4.26
C GLY A 172 -36.20 -32.05 3.10
N VAL A 173 -36.16 -31.18 2.08
CA VAL A 173 -35.01 -31.17 1.13
C VAL A 173 -33.82 -30.53 1.86
N ARG A 174 -32.74 -31.30 1.98
CA ARG A 174 -31.63 -30.98 2.93
C ARG A 174 -30.79 -29.87 2.30
N LEU A 175 -30.66 -28.75 2.98
CA LEU A 175 -29.78 -27.65 2.53
C LEU A 175 -28.72 -27.42 3.57
N PRO A 176 -27.48 -27.03 3.17
CA PRO A 176 -26.47 -26.65 4.15
C PRO A 176 -26.87 -25.39 4.92
N PRO A 177 -26.31 -25.20 6.12
CA PRO A 177 -26.61 -24.04 6.96
C PRO A 177 -26.31 -22.72 6.24
N SER A 178 -25.26 -22.63 5.43
CA SER A 178 -24.93 -21.42 4.64
C SER A 178 -24.07 -21.80 3.45
N ASN A 179 -23.68 -20.80 2.64
CA ASN A 179 -22.90 -20.97 1.37
C ASN A 179 -21.39 -20.99 1.68
N TRP A 180 -21.01 -21.17 2.92
CA TRP A 180 -19.58 -20.97 3.31
C TRP A 180 -18.68 -21.98 2.58
N VAL A 181 -17.52 -21.50 2.12
CA VAL A 181 -16.59 -22.29 1.29
C VAL A 181 -15.35 -22.57 2.13
N SER A 182 -14.92 -23.82 2.17
CA SER A 182 -13.71 -24.34 2.85
C SER A 182 -12.48 -23.77 2.14
N GLN A 183 -11.42 -23.55 2.92
CA GLN A 183 -10.10 -23.13 2.37
C GLN A 183 -9.54 -24.18 1.41
N PHE A 184 -9.93 -25.44 1.58
CA PHE A 184 -9.42 -26.58 0.78
C PHE A 184 -10.51 -27.05 -0.20
N GLY A 185 -11.43 -26.16 -0.57
CA GLY A 185 -12.45 -26.42 -1.60
C GLY A 185 -13.70 -27.07 -1.06
N GLY A 186 -14.78 -26.90 -1.79
CA GLY A 186 -16.10 -27.41 -1.41
C GLY A 186 -16.71 -26.64 -0.26
N SER A 187 -17.90 -27.07 0.13
CA SER A 187 -18.63 -26.53 1.28
C SER A 187 -17.83 -26.69 2.57
N ALA A 188 -17.86 -25.66 3.43
CA ALA A 188 -17.34 -25.72 4.82
C ALA A 188 -18.28 -26.53 5.73
N TRP A 189 -19.39 -27.07 5.20
CA TRP A 189 -20.33 -27.88 6.03
C TRP A 189 -20.39 -29.34 5.61
N GLU A 190 -20.13 -30.26 6.53
CA GLU A 190 -20.15 -31.71 6.26
C GLU A 190 -21.31 -32.33 7.04
N TRP A 191 -22.14 -33.08 6.31
CA TRP A 191 -23.26 -33.82 6.94
C TRP A 191 -22.72 -35.02 7.74
N SER A 192 -23.17 -35.11 8.98
CA SER A 192 -23.05 -36.31 9.85
C SER A 192 -24.36 -37.12 9.77
N GLU A 193 -24.32 -38.33 9.18
CA GLU A 193 -25.48 -39.27 9.18
C GLU A 193 -25.79 -39.58 10.64
N LYS A 194 -24.76 -39.77 11.47
CA LYS A 194 -24.92 -40.25 12.87
C LYS A 194 -25.69 -39.20 13.67
N ARG A 195 -25.35 -37.94 13.52
CA ARG A 195 -25.90 -36.89 14.41
C ARG A 195 -27.04 -36.13 13.71
N GLN A 196 -27.23 -36.33 12.41
CA GLN A 196 -28.32 -35.66 11.65
C GLN A 196 -28.12 -34.15 11.76
N GLN A 197 -26.87 -33.69 11.61
CA GLN A 197 -26.56 -32.27 11.58
C GLN A 197 -25.28 -32.12 10.78
N TYR A 198 -25.00 -30.90 10.39
CA TYR A 198 -23.75 -30.55 9.67
C TYR A 198 -22.73 -30.07 10.69
N TYR A 199 -21.46 -30.40 10.47
CA TYR A 199 -20.40 -29.77 11.27
C TYR A 199 -19.62 -28.84 10.37
N LEU A 200 -19.02 -27.84 11.00
CA LEU A 200 -18.17 -26.84 10.33
C LEU A 200 -16.73 -27.38 10.16
N HIS A 201 -16.20 -27.23 8.96
CA HIS A 201 -14.76 -27.40 8.67
C HIS A 201 -14.31 -26.28 7.74
N GLN A 202 -13.60 -25.29 8.27
CA GLN A 202 -12.98 -24.27 7.37
C GLN A 202 -11.83 -24.87 6.54
N PHE A 203 -11.20 -25.94 7.01
CA PHE A 203 -10.14 -26.64 6.27
C PHE A 203 -10.68 -27.96 5.76
N ALA A 204 -9.95 -29.05 5.92
CA ALA A 204 -10.35 -30.32 5.28
C ALA A 204 -11.62 -30.82 5.97
N ILE A 205 -12.36 -31.69 5.30
CA ILE A 205 -13.51 -32.43 5.87
C ILE A 205 -13.10 -33.07 7.21
N GLN A 206 -11.87 -33.54 7.30
CA GLN A 206 -11.36 -34.24 8.50
C GLN A 206 -10.89 -33.30 9.59
N GLN A 207 -10.98 -31.99 9.40
CA GLN A 207 -10.54 -30.98 10.36
C GLN A 207 -11.78 -30.24 10.83
N VAL A 208 -12.21 -30.55 12.02
CA VAL A 208 -13.51 -30.06 12.60
C VAL A 208 -13.29 -28.83 13.47
N ASP A 209 -13.96 -27.72 13.13
CA ASP A 209 -13.83 -26.44 13.85
C ASP A 209 -14.41 -26.53 15.25
N PHE A 210 -13.59 -26.27 16.23
CA PHE A 210 -14.03 -26.12 17.65
C PHE A 210 -15.00 -24.94 17.80
N ASP A 211 -15.88 -25.01 18.80
CA ASP A 211 -16.71 -23.82 19.11
C ASP A 211 -15.96 -22.98 20.13
N PHE A 212 -15.37 -21.86 19.69
CA PHE A 212 -14.58 -20.99 20.59
C PHE A 212 -15.48 -20.06 21.41
N ARG A 213 -16.81 -20.21 21.34
CA ARG A 213 -17.73 -19.53 22.30
C ARG A 213 -18.03 -20.49 23.45
N ASN A 214 -17.58 -21.73 23.38
CA ASN A 214 -17.74 -22.74 24.45
C ASN A 214 -16.60 -22.62 25.46
N PRO A 215 -16.90 -22.26 26.73
CA PRO A 215 -15.85 -22.10 27.72
C PRO A 215 -15.04 -23.38 27.95
N ALA A 216 -15.63 -24.56 27.74
CA ALA A 216 -14.95 -25.86 27.92
C ALA A 216 -13.87 -26.04 26.84
N VAL A 217 -14.14 -25.61 25.61
CA VAL A 217 -13.13 -25.61 24.50
C VAL A 217 -11.96 -24.68 24.94
N LYS A 218 -12.26 -23.46 25.41
CA LYS A 218 -11.16 -22.55 25.84
C LYS A 218 -10.38 -23.19 26.98
N GLN A 219 -11.04 -23.84 27.92
CA GLN A 219 -10.35 -24.48 29.05
C GLN A 219 -9.44 -25.60 28.52
N GLU A 220 -9.92 -26.31 27.50
CA GLU A 220 -9.12 -27.41 26.90
C GLU A 220 -7.86 -26.83 26.26
N MET A 221 -7.93 -25.66 25.63
CA MET A 221 -6.70 -25.07 25.05
C MET A 221 -5.69 -24.70 26.15
N PHE A 222 -6.15 -24.14 27.27
CA PHE A 222 -5.24 -23.87 28.41
C PHE A 222 -4.61 -25.20 28.88
N ASN A 223 -5.39 -26.25 28.93
CA ASN A 223 -4.92 -27.58 29.40
C ASN A 223 -3.79 -28.06 28.49
N ILE A 224 -3.99 -27.96 27.17
CA ILE A 224 -3.02 -28.42 26.15
C ILE A 224 -1.73 -27.59 26.33
N MET A 225 -1.82 -26.26 26.39
CA MET A 225 -0.62 -25.41 26.55
C MET A 225 0.09 -25.76 27.87
N LYS A 226 -0.67 -25.97 28.94
CA LYS A 226 -0.05 -26.18 30.29
C LYS A 226 0.77 -27.46 30.25
N PHE A 227 0.18 -28.49 29.63
CA PHE A 227 0.82 -29.81 29.48
C PHE A 227 2.20 -29.65 28.83
N TRP A 228 2.31 -28.96 27.67
CA TRP A 228 3.59 -28.86 26.94
C TRP A 228 4.51 -27.84 27.60
N LEU A 229 4.01 -26.76 28.23
CA LEU A 229 4.88 -25.83 28.99
C LEU A 229 5.50 -26.60 30.17
N ASP A 230 4.71 -27.44 30.81
CA ASP A 230 5.18 -28.25 31.97
C ASP A 230 6.30 -29.20 31.53
N LYS A 231 6.28 -29.71 30.30
CA LYS A 231 7.35 -30.57 29.75
C LYS A 231 8.64 -29.77 29.49
N GLY A 232 8.57 -28.42 29.44
CA GLY A 232 9.74 -27.56 29.23
C GLY A 232 9.69 -26.76 27.91
N ALA A 233 8.59 -26.80 27.15
CA ALA A 233 8.51 -26.05 25.86
C ALA A 233 8.70 -24.56 26.16
N ASP A 234 9.38 -23.85 25.25
CA ASP A 234 9.72 -22.42 25.39
C ASP A 234 8.63 -21.57 24.77
N GLY A 235 7.63 -22.20 24.16
CA GLY A 235 6.45 -21.43 23.70
C GLY A 235 5.76 -22.13 22.55
N PHE A 236 4.91 -21.38 21.84
CA PHE A 236 4.05 -21.96 20.80
C PHE A 236 4.00 -21.03 19.60
N ARG A 237 3.90 -21.67 18.45
CA ARG A 237 3.26 -21.04 17.28
C ARG A 237 1.79 -21.51 17.29
N LEU A 238 0.85 -20.59 17.24
CA LEU A 238 -0.59 -20.92 17.18
C LEU A 238 -1.09 -20.57 15.77
N ASP A 239 -1.50 -21.60 15.03
CA ASP A 239 -1.76 -21.50 13.59
C ASP A 239 -3.23 -21.19 13.29
N ALA A 240 -3.44 -20.47 12.18
CA ALA A 240 -4.75 -20.36 11.52
C ALA A 240 -5.72 -19.54 12.38
N LEU A 241 -5.24 -18.53 13.09
CA LEU A 241 -6.10 -17.82 14.06
C LEU A 241 -7.19 -17.00 13.37
N PRO A 242 -7.08 -16.51 12.09
CA PRO A 242 -8.17 -15.70 11.55
C PRO A 242 -9.50 -16.46 11.50
N TYR A 243 -9.44 -17.80 11.48
CA TYR A 243 -10.64 -18.65 11.29
C TYR A 243 -11.27 -19.05 12.63
N LEU A 244 -10.82 -18.56 13.80
CA LEU A 244 -11.29 -19.18 15.08
C LEU A 244 -12.81 -19.06 15.16
N ILE A 245 -13.33 -17.84 15.02
CA ILE A 245 -14.77 -17.51 15.29
C ILE A 245 -15.48 -17.13 13.98
N GLU A 246 -16.72 -17.61 13.87
CA GLU A 246 -17.70 -17.33 12.79
C GLU A 246 -18.96 -16.70 13.40
N ALA A 247 -19.78 -16.12 12.52
CA ALA A 247 -20.99 -15.36 12.94
C ALA A 247 -21.84 -16.27 13.84
N ASP A 248 -22.36 -15.68 14.89
CA ASP A 248 -23.24 -16.38 15.85
C ASP A 248 -24.66 -16.38 15.27
N PRO A 249 -25.33 -17.55 15.10
CA PRO A 249 -26.68 -17.57 14.52
C PRO A 249 -27.65 -16.71 15.33
N ALA A 250 -27.43 -16.59 16.64
CA ALA A 250 -28.25 -15.78 17.55
C ALA A 250 -28.33 -14.32 17.10
N ASP A 251 -27.41 -13.86 16.24
CA ASP A 251 -27.34 -12.48 15.71
C ASP A 251 -27.89 -12.40 14.29
N HIS A 252 -28.40 -13.51 13.71
CA HIS A 252 -28.92 -13.55 12.31
C HIS A 252 -30.23 -14.36 12.29
N GLU A 253 -31.05 -14.19 13.33
CA GLU A 253 -32.42 -14.78 13.45
C GLU A 253 -32.31 -16.30 13.60
N GLY A 254 -31.23 -16.79 14.19
CA GLY A 254 -31.01 -18.23 14.40
C GLY A 254 -30.63 -18.98 13.13
N ARG A 255 -30.00 -18.35 12.13
CA ARG A 255 -29.31 -19.12 11.06
C ARG A 255 -27.84 -18.68 10.96
N TYR A 256 -27.04 -19.46 10.27
CA TYR A 256 -25.68 -19.05 9.86
C TYR A 256 -25.87 -18.22 8.61
N PRO A 257 -25.44 -16.93 8.61
CA PRO A 257 -25.63 -16.09 7.43
C PRO A 257 -24.72 -16.48 6.27
N ASP A 258 -25.20 -16.38 5.05
CA ASP A 258 -24.35 -16.57 3.86
C ASP A 258 -23.22 -15.53 3.87
N ASP A 259 -22.05 -15.93 3.38
CA ASP A 259 -21.00 -14.93 3.11
C ASP A 259 -21.38 -14.24 1.81
N PRO A 260 -21.08 -12.95 1.63
CA PRO A 260 -21.29 -12.27 0.36
C PRO A 260 -20.59 -13.00 -0.79
N LEU A 261 -21.14 -12.93 -1.99
CA LEU A 261 -20.48 -13.50 -3.20
C LEU A 261 -19.43 -12.52 -3.74
N SER A 262 -18.29 -13.02 -4.22
CA SER A 262 -17.24 -12.19 -4.85
C SER A 262 -17.67 -11.70 -6.25
N GLY A 263 -18.48 -12.46 -6.98
CA GLY A 263 -18.85 -12.09 -8.37
C GLY A 263 -17.77 -12.47 -9.38
N LEU A 264 -16.64 -13.05 -8.96
CA LEU A 264 -15.49 -13.28 -9.89
C LEU A 264 -15.78 -14.53 -10.74
N THR A 265 -15.79 -14.36 -12.06
CA THR A 265 -16.24 -15.39 -13.02
C THR A 265 -15.37 -16.66 -12.91
N GLN A 266 -14.11 -16.56 -12.48
CA GLN A 266 -13.18 -17.73 -12.44
C GLN A 266 -13.51 -18.71 -11.30
N PHE A 267 -14.46 -18.36 -10.40
CA PHE A 267 -14.74 -19.17 -9.18
C PHE A 267 -16.18 -19.68 -9.22
N GLU A 268 -16.34 -21.01 -9.33
CA GLU A 268 -17.65 -21.65 -9.12
C GLU A 268 -17.91 -21.80 -7.62
N SER A 269 -19.16 -22.12 -7.26
CA SER A 269 -19.71 -22.10 -5.89
C SER A 269 -18.97 -23.06 -4.93
N HIS A 270 -18.14 -23.97 -5.44
CA HIS A 270 -17.39 -24.97 -4.63
C HIS A 270 -15.93 -24.51 -4.44
N GLN A 271 -15.58 -23.35 -5.00
CA GLN A 271 -14.17 -22.93 -5.21
C GLN A 271 -13.86 -21.77 -4.29
N LEU A 272 -12.75 -21.89 -3.57
CA LEU A 272 -12.24 -20.79 -2.74
C LEU A 272 -12.12 -19.54 -3.61
N GLY A 273 -12.79 -18.47 -3.18
CA GLY A 273 -12.80 -17.18 -3.90
C GLY A 273 -14.21 -16.84 -4.33
N TYR A 274 -15.07 -17.85 -4.35
CA TYR A 274 -16.51 -17.65 -4.69
C TYR A 274 -17.18 -16.68 -3.72
N THR A 275 -16.79 -16.71 -2.46
CA THR A 275 -17.32 -15.84 -1.37
C THR A 275 -16.26 -14.88 -0.81
N ILE A 276 -16.74 -13.85 -0.14
CA ILE A 276 -15.95 -12.85 0.65
C ILE A 276 -16.16 -13.24 2.12
N PRO A 277 -15.11 -13.67 2.88
CA PRO A 277 -15.34 -14.27 4.20
C PRO A 277 -15.74 -13.30 5.31
N LEU A 278 -16.82 -12.55 5.06
CA LEU A 278 -17.26 -11.51 6.03
C LEU A 278 -17.62 -12.13 7.38
N TYR A 279 -18.26 -13.30 7.39
CA TYR A 279 -18.83 -13.92 8.62
C TYR A 279 -17.99 -15.09 9.10
N THR A 280 -16.84 -15.36 8.44
CA THR A 280 -16.08 -16.60 8.68
C THR A 280 -14.57 -16.32 8.94
N LYS A 281 -14.13 -15.07 8.79
CA LYS A 281 -12.68 -14.74 8.97
C LYS A 281 -12.51 -13.38 9.60
N ASP A 282 -11.53 -13.29 10.51
CA ASP A 282 -11.08 -12.01 11.13
C ASP A 282 -12.16 -11.42 12.03
N LEU A 283 -13.00 -12.23 12.67
CA LEU A 283 -14.01 -11.66 13.57
C LEU A 283 -13.32 -11.06 14.78
N ILE A 284 -13.78 -9.91 15.22
CA ILE A 284 -13.10 -9.17 16.33
C ILE A 284 -13.03 -10.04 17.60
N GLU A 285 -13.99 -10.95 17.84
CA GLU A 285 -13.96 -11.80 19.06
C GLU A 285 -12.75 -12.78 19.09
N LEU A 286 -12.17 -13.12 17.94
CA LEU A 286 -11.06 -14.11 17.93
C LEU A 286 -9.93 -13.48 18.74
N TYR A 287 -9.82 -12.15 18.72
CA TYR A 287 -8.66 -11.47 19.38
C TYR A 287 -8.80 -11.59 20.91
N ASP A 288 -10.03 -11.67 21.45
CA ASP A 288 -10.21 -11.84 22.90
C ASP A 288 -9.65 -13.20 23.34
N VAL A 289 -9.77 -14.21 22.49
CA VAL A 289 -9.23 -15.57 22.79
C VAL A 289 -7.70 -15.41 22.92
N VAL A 290 -7.08 -14.76 21.93
CA VAL A 290 -5.61 -14.47 21.91
C VAL A 290 -5.19 -13.71 23.17
N TYR A 291 -5.86 -12.62 23.53
CA TYR A 291 -5.54 -11.85 24.75
C TYR A 291 -5.63 -12.75 25.99
N GLU A 292 -6.66 -13.62 26.09
CA GLU A 292 -6.79 -14.59 27.20
C GLU A 292 -5.59 -15.54 27.21
N TRP A 293 -5.10 -15.96 26.03
CA TRP A 293 -3.95 -16.89 25.96
C TRP A 293 -2.70 -16.16 26.48
N ARG A 294 -2.55 -14.88 26.19
CA ARG A 294 -1.36 -14.12 26.64
C ARG A 294 -1.46 -13.96 28.17
N GLU A 295 -2.66 -13.75 28.69
CA GLU A 295 -2.84 -13.48 30.14
C GLU A 295 -2.44 -14.75 30.88
N PHE A 296 -2.85 -15.91 30.37
CA PHE A 296 -2.47 -17.25 30.88
C PHE A 296 -0.95 -17.44 30.83
N LEU A 297 -0.32 -17.07 29.71
CA LEU A 297 1.11 -17.28 29.49
C LEU A 297 1.89 -16.37 30.42
N ASP A 298 1.46 -15.11 30.56
CA ASP A 298 2.04 -14.11 31.48
C ASP A 298 1.98 -14.68 32.90
N GLU A 299 0.84 -15.24 33.30
CA GLU A 299 0.67 -15.83 34.65
C GLU A 299 1.63 -17.01 34.79
N TYR A 300 1.81 -17.81 33.73
CA TYR A 300 2.67 -19.00 33.81
C TYR A 300 4.12 -18.53 33.97
N ASN A 301 4.52 -17.50 33.24
CA ASN A 301 5.93 -17.02 33.28
C ASN A 301 6.17 -16.50 34.69
N LYS A 302 5.19 -15.79 35.24
CA LYS A 302 5.34 -15.12 36.55
C LYS A 302 5.52 -16.21 37.60
N ASN A 303 4.68 -17.23 37.57
CA ASN A 303 4.67 -18.31 38.60
C ASN A 303 5.83 -19.28 38.41
N HIS A 304 6.39 -19.44 37.21
CA HIS A 304 7.47 -20.46 36.99
C HIS A 304 8.85 -19.81 36.92
N GLY A 305 8.93 -18.50 36.69
CA GLY A 305 10.21 -17.84 36.37
C GLY A 305 10.99 -18.58 35.27
N GLY A 306 12.31 -18.37 35.21
CA GLY A 306 13.16 -18.83 34.10
C GLY A 306 12.88 -17.99 32.88
N ASP A 307 13.36 -18.43 31.73
CA ASP A 307 13.24 -17.71 30.44
C ASP A 307 11.77 -17.57 30.06
N THR A 308 11.37 -16.38 29.61
CA THR A 308 10.03 -16.08 29.09
C THR A 308 9.61 -17.20 28.13
N ARG A 309 8.42 -17.74 28.33
CA ARG A 309 7.74 -18.58 27.32
C ARG A 309 6.85 -17.66 26.48
N VAL A 310 6.77 -17.94 25.16
CA VAL A 310 6.16 -16.96 24.22
C VAL A 310 5.06 -17.60 23.39
N VAL A 311 4.22 -16.76 22.81
N VAL A 311 4.22 -16.74 22.82
CA VAL A 311 3.31 -17.22 21.73
CA VAL A 311 3.27 -17.12 21.75
C VAL A 311 3.49 -16.31 20.52
C VAL A 311 3.56 -16.28 20.51
N PHE A 312 3.73 -16.95 19.38
CA PHE A 312 3.83 -16.29 18.06
C PHE A 312 2.58 -16.77 17.30
N SER A 313 1.80 -15.82 16.78
CA SER A 313 0.49 -16.11 16.19
C SER A 313 0.70 -16.13 14.68
N GLN A 314 -0.07 -16.96 14.03
CA GLN A 314 -0.12 -17.02 12.55
C GLN A 314 -1.49 -16.60 12.08
N GLY A 315 -1.48 -15.75 11.06
CA GLY A 315 -2.71 -15.47 10.31
C GLY A 315 -2.40 -14.60 9.12
N TYR A 316 -2.96 -14.94 7.96
CA TYR A 316 -2.81 -14.09 6.78
C TYR A 316 -4.03 -13.19 6.78
N ALA A 317 -3.81 -11.89 6.95
CA ALA A 317 -4.88 -10.88 7.00
C ALA A 317 -4.35 -9.55 6.55
N ASN A 318 -5.23 -8.54 6.44
CA ASN A 318 -4.72 -7.20 6.10
C ASN A 318 -3.89 -6.63 7.28
N VAL A 319 -3.28 -5.46 7.08
N VAL A 319 -3.33 -5.45 7.07
CA VAL A 319 -2.34 -4.90 8.10
CA VAL A 319 -2.42 -4.89 8.08
C VAL A 319 -3.16 -4.48 9.35
C VAL A 319 -3.17 -4.65 9.40
N SER A 320 -4.40 -4.02 9.18
N SER A 320 -4.31 -3.97 9.36
CA SER A 320 -5.34 -3.66 10.30
CA SER A 320 -5.05 -3.62 10.60
C SER A 320 -5.49 -4.84 11.27
C SER A 320 -5.47 -4.89 11.37
N MET A 321 -5.91 -5.96 10.69
CA MET A 321 -6.32 -7.21 11.37
C MET A 321 -5.05 -7.93 11.88
N THR A 322 -3.95 -7.80 11.14
CA THR A 322 -2.65 -8.37 11.58
C THR A 322 -2.18 -7.69 12.87
N MET A 323 -2.23 -6.38 12.95
CA MET A 323 -1.63 -5.66 14.12
C MET A 323 -2.46 -5.88 15.39
N LEU A 324 -3.74 -6.24 15.30
CA LEU A 324 -4.55 -6.44 16.51
C LEU A 324 -4.06 -7.70 17.23
N TYR A 325 -3.30 -8.57 16.58
CA TYR A 325 -2.70 -9.73 17.31
C TYR A 325 -1.73 -9.25 18.39
N TYR A 326 -1.06 -8.11 18.22
CA TYR A 326 -0.13 -7.56 19.24
C TYR A 326 -0.90 -7.14 20.48
N GLY A 327 -2.12 -6.63 20.28
CA GLY A 327 -2.89 -5.97 21.34
C GLY A 327 -3.78 -4.92 20.73
N ASN A 328 -4.45 -4.09 21.54
CA ASN A 328 -5.47 -3.13 21.02
C ASN A 328 -5.40 -1.81 21.80
N GLU A 329 -6.15 -0.82 21.31
CA GLU A 329 -6.32 0.54 21.91
C GLU A 329 -6.53 0.46 23.42
N ASP A 330 -7.53 -0.30 23.85
CA ASP A 330 -7.93 -0.42 25.28
C ASP A 330 -6.83 -1.02 26.16
N GLY A 331 -5.72 -1.52 25.59
CA GLY A 331 -4.54 -1.96 26.35
C GLY A 331 -4.42 -3.47 26.44
N ALA A 332 -5.31 -4.22 25.80
CA ALA A 332 -5.18 -5.69 25.64
C ALA A 332 -3.80 -5.99 25.05
N ILE A 333 -3.13 -7.02 25.56
CA ILE A 333 -1.82 -7.49 25.05
C ILE A 333 -2.05 -8.89 24.46
N GLY A 334 -1.61 -9.12 23.22
CA GLY A 334 -1.81 -10.42 22.56
C GLY A 334 -0.53 -11.18 22.39
N ALA A 335 -0.31 -11.68 21.20
CA ALA A 335 0.86 -12.54 20.93
C ALA A 335 2.14 -11.69 21.09
N HIS A 336 3.21 -12.32 21.48
CA HIS A 336 4.57 -11.68 21.50
C HIS A 336 4.83 -11.04 20.14
N PHE A 337 4.42 -11.71 19.08
CA PHE A 337 4.16 -11.08 17.78
C PHE A 337 3.30 -11.97 16.92
N PRO A 338 2.57 -11.37 15.98
CA PRO A 338 2.07 -12.07 14.80
C PRO A 338 3.18 -12.15 13.75
N PHE A 339 3.26 -13.28 13.03
CA PHE A 339 4.17 -13.42 11.89
C PHE A 339 3.85 -12.40 10.79
N ASN A 340 4.94 -11.81 10.27
CA ASN A 340 4.91 -10.89 9.11
C ASN A 340 5.17 -11.66 7.81
N PHE A 341 4.14 -11.87 6.98
CA PHE A 341 4.28 -12.63 5.71
C PHE A 341 4.50 -11.69 4.52
N ASP A 342 4.87 -10.42 4.73
CA ASP A 342 4.99 -9.47 3.59
C ASP A 342 5.97 -9.95 2.51
N PHE A 343 7.08 -10.63 2.83
CA PHE A 343 8.07 -11.11 1.84
C PHE A 343 7.50 -12.31 1.06
N ILE A 344 6.35 -12.85 1.49
CA ILE A 344 5.64 -13.93 0.75
C ILE A 344 4.46 -13.36 -0.05
N THR A 345 3.69 -12.45 0.55
CA THR A 345 2.42 -11.94 -0.03
C THR A 345 2.65 -10.76 -0.98
N ASP A 346 3.66 -9.92 -0.73
CA ASP A 346 3.67 -8.57 -1.33
C ASP A 346 4.98 -8.29 -2.08
N LEU A 347 5.94 -9.21 -2.14
CA LEU A 347 7.20 -9.04 -2.86
C LEU A 347 7.50 -10.36 -3.57
N SER A 348 8.17 -10.26 -4.70
CA SER A 348 8.55 -11.44 -5.51
C SER A 348 9.55 -11.03 -6.58
N SER A 349 9.88 -11.94 -7.51
CA SER A 349 10.81 -11.63 -8.61
C SER A 349 10.23 -10.50 -9.47
N LYS A 350 8.96 -10.13 -9.33
CA LYS A 350 8.36 -8.99 -10.10
C LYS A 350 8.69 -7.64 -9.44
N SER A 351 9.22 -7.64 -8.21
CA SER A 351 9.36 -6.44 -7.36
C SER A 351 10.65 -5.71 -7.72
N ASN A 352 10.58 -4.39 -7.77
CA ASN A 352 11.78 -3.54 -7.92
C ASN A 352 12.20 -3.00 -6.55
N ALA A 353 13.27 -2.23 -6.50
CA ALA A 353 13.87 -1.84 -5.21
C ALA A 353 12.93 -0.90 -4.45
N ARG A 354 12.13 -0.13 -5.19
CA ARG A 354 11.09 0.78 -4.62
C ARG A 354 10.00 -0.06 -3.95
N ASP A 355 9.59 -1.18 -4.56
CA ASP A 355 8.62 -2.13 -3.95
C ASP A 355 9.22 -2.68 -2.67
N PHE A 356 10.48 -3.13 -2.71
CA PHE A 356 11.16 -3.70 -1.50
C PHE A 356 11.02 -2.68 -0.37
N VAL A 357 11.50 -1.46 -0.61
CA VAL A 357 11.48 -0.39 0.44
C VAL A 357 10.04 -0.20 0.94
N TYR A 358 9.09 0.01 0.06
CA TYR A 358 7.71 0.40 0.43
C TYR A 358 7.06 -0.74 1.20
N ILE A 359 7.39 -2.01 0.92
CA ILE A 359 6.76 -3.11 1.68
C ILE A 359 7.48 -3.30 3.02
N ILE A 360 8.81 -3.14 3.07
CA ILE A 360 9.58 -3.24 4.33
C ILE A 360 9.04 -2.20 5.29
N LEU A 361 8.76 -0.99 4.79
CA LEU A 361 8.27 0.09 5.67
C LEU A 361 6.86 -0.20 6.19
N ARG A 362 6.14 -1.15 5.62
CA ARG A 362 4.76 -1.37 6.06
C ARG A 362 4.75 -1.87 7.51
N TRP A 363 5.39 -2.96 7.80
CA TRP A 363 5.36 -3.44 9.19
C TRP A 363 5.90 -2.39 10.15
N LEU A 364 7.02 -1.77 9.81
CA LEU A 364 7.68 -0.84 10.71
C LEU A 364 6.84 0.41 10.90
N THR A 365 6.01 0.77 9.93
CA THR A 365 5.09 1.94 10.09
C THR A 365 3.87 1.57 10.93
N TYR A 366 3.34 0.35 10.81
CA TYR A 366 2.03 -0.03 11.40
C TYR A 366 2.17 -0.68 12.77
N MET A 367 3.31 -1.29 13.04
CA MET A 367 3.47 -2.03 14.31
C MET A 367 3.36 -1.07 15.47
N PRO A 368 2.70 -1.48 16.56
CA PRO A 368 2.60 -0.58 17.72
C PRO A 368 3.97 -0.29 18.31
N TYR A 369 4.09 0.87 18.94
CA TYR A 369 5.33 1.31 19.60
C TYR A 369 5.64 0.29 20.72
N GLY A 370 6.83 -0.24 20.75
CA GLY A 370 7.24 -1.30 21.67
C GLY A 370 7.11 -2.66 21.02
N GLY A 371 6.40 -2.77 19.89
CA GLY A 371 6.23 -4.04 19.19
C GLY A 371 7.57 -4.55 18.72
N ILE A 372 7.73 -5.87 18.65
CA ILE A 372 8.92 -6.51 18.05
C ILE A 372 8.64 -6.90 16.62
N PRO A 373 9.36 -6.36 15.64
CA PRO A 373 9.16 -6.74 14.25
C PRO A 373 9.75 -8.12 14.00
N ASN A 374 9.28 -8.80 12.96
CA ASN A 374 9.78 -10.11 12.51
C ASN A 374 9.64 -10.14 10.99
N TRP A 375 10.37 -11.05 10.37
CA TRP A 375 10.51 -11.10 8.89
C TRP A 375 10.49 -12.55 8.47
N VAL A 376 9.47 -12.92 7.69
CA VAL A 376 9.31 -14.31 7.20
C VAL A 376 9.50 -14.34 5.70
N PHE A 377 10.35 -15.21 5.22
CA PHE A 377 10.69 -15.31 3.77
C PHE A 377 10.15 -16.62 3.17
N GLY A 378 9.68 -17.49 4.03
CA GLY A 378 9.14 -18.76 3.56
C GLY A 378 8.62 -19.62 4.70
N ASN A 379 7.91 -20.67 4.31
CA ASN A 379 7.35 -21.66 5.28
C ASN A 379 6.85 -22.85 4.46
N HIS A 380 6.29 -23.89 5.12
CA HIS A 380 5.77 -25.11 4.48
C HIS A 380 4.45 -24.83 3.73
N ASP A 381 3.93 -23.60 3.78
CA ASP A 381 2.63 -23.25 3.13
C ASP A 381 2.86 -22.52 1.81
N ASN A 382 4.09 -22.19 1.44
CA ASN A 382 4.38 -21.35 0.27
C ASN A 382 5.62 -21.85 -0.49
N ASN A 383 5.79 -21.42 -1.73
CA ASN A 383 6.96 -21.77 -2.57
C ASN A 383 8.22 -21.24 -1.89
N ARG A 384 9.33 -21.91 -2.12
CA ARG A 384 10.60 -21.53 -1.46
C ARG A 384 11.08 -20.17 -1.94
N MET A 385 11.78 -19.51 -1.04
CA MET A 385 12.36 -18.15 -1.23
C MET A 385 13.09 -17.97 -2.57
N PRO A 386 14.03 -18.85 -2.99
CA PRO A 386 14.73 -18.67 -4.28
C PRO A 386 13.86 -18.89 -5.53
N THR A 387 12.79 -19.67 -5.37
CA THR A 387 11.79 -19.91 -6.43
C THR A 387 10.84 -18.73 -6.57
N ARG A 388 10.39 -18.15 -5.46
CA ARG A 388 9.51 -16.94 -5.49
C ARG A 388 10.26 -15.73 -6.02
N PHE A 389 11.55 -15.64 -5.70
CA PHE A 389 12.44 -14.55 -6.16
C PHE A 389 13.31 -15.15 -7.28
N ARG A 390 14.62 -15.03 -7.18
CA ARG A 390 15.57 -15.61 -8.15
C ARG A 390 16.70 -16.30 -7.39
N HIS A 391 17.36 -17.24 -8.06
CA HIS A 391 18.49 -17.95 -7.44
C HIS A 391 19.63 -17.00 -7.08
N ASP A 392 19.77 -15.87 -7.79
CA ASP A 392 20.92 -14.94 -7.59
C ASP A 392 20.53 -13.87 -6.54
N MET A 393 19.37 -13.99 -5.91
CA MET A 393 18.94 -13.03 -4.83
C MET A 393 19.02 -13.66 -3.44
N VAL A 394 19.38 -14.93 -3.33
CA VAL A 394 19.33 -15.61 -2.01
C VAL A 394 20.10 -14.87 -0.95
N ASP A 395 21.34 -14.44 -1.23
CA ASP A 395 22.15 -13.85 -0.17
C ASP A 395 21.47 -12.52 0.26
N GLY A 396 21.10 -11.71 -0.70
CA GLY A 396 20.45 -10.41 -0.42
C GLY A 396 19.20 -10.57 0.43
N LEU A 397 18.40 -11.58 0.13
CA LEU A 397 17.18 -11.82 0.93
C LEU A 397 17.57 -12.26 2.34
N ASN A 398 18.50 -13.20 2.51
CA ASN A 398 18.98 -13.57 3.87
C ASN A 398 19.61 -12.37 4.58
N ILE A 399 20.26 -11.45 3.85
CA ILE A 399 20.81 -10.23 4.51
C ILE A 399 19.64 -9.37 5.04
N ILE A 400 18.65 -9.09 4.23
CA ILE A 400 17.49 -8.26 4.71
C ILE A 400 16.96 -8.86 6.01
N ASN A 401 16.76 -10.18 6.02
CA ASN A 401 16.13 -10.91 7.13
C ASN A 401 16.93 -10.68 8.40
N MET A 402 18.28 -10.71 8.29
CA MET A 402 19.19 -10.66 9.46
C MET A 402 19.53 -9.22 9.87
N LEU A 403 19.46 -8.26 8.95
CA LEU A 403 19.89 -6.87 9.18
C LEU A 403 18.72 -5.93 9.50
N LEU A 404 17.45 -6.31 9.21
CA LEU A 404 16.34 -5.46 9.69
C LEU A 404 16.22 -5.62 11.18
N PRO A 405 15.65 -4.62 11.84
CA PRO A 405 15.41 -4.75 13.26
C PRO A 405 14.49 -5.91 13.62
N GLY A 406 14.68 -6.48 14.82
CA GLY A 406 13.79 -7.48 15.40
C GLY A 406 14.24 -8.90 15.14
N VAL A 407 13.29 -9.77 14.79
CA VAL A 407 13.44 -11.25 14.69
C VAL A 407 13.57 -11.67 13.21
N ALA A 408 14.56 -12.50 12.93
CA ALA A 408 14.77 -13.14 11.64
C ALA A 408 14.11 -14.49 11.72
N VAL A 409 13.30 -14.79 10.74
CA VAL A 409 12.61 -16.12 10.70
C VAL A 409 13.16 -16.85 9.48
N THR A 410 13.66 -18.08 9.66
CA THR A 410 14.21 -18.88 8.58
C THR A 410 13.35 -20.15 8.45
N TYR A 411 13.04 -20.51 7.22
CA TYR A 411 12.40 -21.78 6.89
C TYR A 411 13.51 -22.76 6.49
N GLN A 412 13.50 -23.94 7.09
CA GLN A 412 14.32 -25.10 6.69
C GLN A 412 14.69 -25.03 5.19
N GLY A 413 15.98 -24.88 4.86
CA GLY A 413 16.47 -24.88 3.47
C GLY A 413 16.92 -23.50 3.03
N GLU A 414 16.48 -22.43 3.70
CA GLU A 414 16.78 -21.09 3.16
C GLU A 414 18.25 -20.77 3.43
N GLU A 415 18.82 -21.38 4.46
CA GLU A 415 20.24 -21.16 4.87
C GLU A 415 21.18 -21.76 3.82
N ILE A 416 20.69 -22.64 2.96
CA ILE A 416 21.48 -23.13 1.78
C ILE A 416 20.83 -22.78 0.44
N GLY A 417 19.76 -21.98 0.37
CA GLY A 417 19.19 -21.60 -0.93
C GLY A 417 18.46 -22.74 -1.61
N MET A 418 17.84 -23.63 -0.83
CA MET A 418 16.99 -24.70 -1.41
C MET A 418 15.93 -24.11 -2.32
N ARG A 419 15.78 -24.67 -3.53
CA ARG A 419 14.75 -24.31 -4.54
C ARG A 419 13.59 -25.27 -4.35
N ASP A 420 12.42 -24.92 -4.84
CA ASP A 420 11.26 -25.85 -4.84
C ASP A 420 11.70 -27.16 -5.51
N GLY A 421 11.32 -28.30 -4.96
CA GLY A 421 11.50 -29.59 -5.64
C GLY A 421 10.40 -29.86 -6.66
N TYR A 422 10.70 -30.55 -7.77
CA TYR A 422 9.65 -31.08 -8.66
C TYR A 422 8.88 -32.19 -7.94
N VAL A 423 7.57 -32.15 -8.03
CA VAL A 423 6.67 -33.19 -7.46
C VAL A 423 5.59 -33.42 -8.50
N SER A 424 5.54 -34.60 -9.10
CA SER A 424 4.52 -34.90 -10.13
C SER A 424 3.14 -35.00 -9.49
N TRP A 425 2.09 -34.94 -10.31
CA TRP A 425 0.72 -35.26 -9.84
C TRP A 425 0.73 -36.59 -9.09
N GLU A 426 1.35 -37.64 -9.63
CA GLU A 426 1.35 -38.99 -9.02
C GLU A 426 1.97 -38.91 -7.63
N ASP A 427 3.00 -38.09 -7.40
CA ASP A 427 3.70 -38.06 -6.09
C ASP A 427 3.11 -37.00 -5.13
N THR A 428 2.14 -36.22 -5.58
CA THR A 428 1.53 -35.14 -4.77
C THR A 428 0.73 -35.75 -3.61
N VAL A 429 0.94 -35.29 -2.37
CA VAL A 429 0.19 -35.77 -1.18
C VAL A 429 -0.49 -34.62 -0.43
N ASP A 430 -0.32 -33.37 -0.86
CA ASP A 430 -0.94 -32.21 -0.16
C ASP A 430 -2.45 -32.18 -0.46
N ILE A 431 -3.26 -32.35 0.58
CA ILE A 431 -4.76 -32.34 0.55
C ILE A 431 -5.24 -31.07 -0.17
N GLU A 432 -4.56 -29.94 0.02
CA GLU A 432 -5.04 -28.70 -0.61
C GLU A 432 -5.00 -28.92 -2.13
N ALA A 433 -3.96 -29.63 -2.61
CA ALA A 433 -3.73 -29.86 -4.06
C ALA A 433 -4.69 -30.93 -4.57
N CYS A 434 -4.87 -32.00 -3.81
CA CYS A 434 -5.73 -33.16 -4.14
C CYS A 434 -7.16 -32.65 -4.25
N ASN A 435 -7.57 -31.72 -3.38
CA ASN A 435 -8.98 -31.26 -3.27
C ASN A 435 -9.26 -30.10 -4.22
N ARG A 436 -8.33 -29.17 -4.42
CA ARG A 436 -8.57 -27.94 -5.22
C ARG A 436 -8.08 -28.15 -6.66
N GLY A 437 -7.31 -29.21 -6.89
CA GLY A 437 -6.50 -29.36 -8.12
C GLY A 437 -6.87 -30.61 -8.90
N ASP A 438 -6.34 -30.70 -10.12
CA ASP A 438 -6.38 -31.89 -11.02
C ASP A 438 -4.98 -32.02 -11.64
N PRO A 439 -4.68 -33.10 -12.38
CA PRO A 439 -3.36 -33.28 -13.00
C PRO A 439 -2.81 -32.06 -13.75
N ASP A 440 -3.67 -31.16 -14.21
CA ASP A 440 -3.27 -29.96 -15.02
C ASP A 440 -3.12 -28.69 -14.17
N THR A 441 -3.75 -28.58 -12.99
CA THR A 441 -3.83 -27.32 -12.17
C THR A 441 -3.11 -27.45 -10.82
N TYR A 442 -2.74 -28.68 -10.43
CA TYR A 442 -2.34 -29.03 -9.04
C TYR A 442 -1.18 -28.15 -8.58
N HIS A 443 -0.34 -27.69 -9.51
CA HIS A 443 0.85 -26.83 -9.25
C HIS A 443 0.46 -25.44 -8.72
N LEU A 444 -0.78 -25.00 -8.94
CA LEU A 444 -1.28 -23.70 -8.41
C LEU A 444 -1.51 -23.80 -6.90
N TYR A 445 -1.81 -25.00 -6.38
CA TYR A 445 -2.27 -25.19 -4.98
C TYR A 445 -1.22 -25.90 -4.13
N SER A 446 -0.46 -26.84 -4.71
CA SER A 446 0.40 -27.75 -3.92
C SER A 446 1.49 -26.99 -3.15
N ARG A 447 1.63 -27.36 -1.89
CA ARG A 447 2.74 -26.96 -1.03
C ARG A 447 3.86 -28.02 -1.00
N ASP A 448 3.70 -29.14 -1.71
CA ASP A 448 4.70 -30.23 -1.61
C ASP A 448 6.05 -29.74 -2.12
N PRO A 449 6.17 -28.90 -3.18
CA PRO A 449 7.51 -28.50 -3.63
C PRO A 449 8.38 -27.84 -2.55
N ALA A 450 7.77 -27.17 -1.55
CA ALA A 450 8.48 -26.54 -0.42
C ALA A 450 8.68 -27.48 0.76
N ARG A 451 8.34 -28.79 0.61
CA ARG A 451 8.34 -29.77 1.70
C ARG A 451 9.25 -30.95 1.32
N THR A 452 9.98 -30.80 0.23
CA THR A 452 10.88 -31.90 -0.23
C THR A 452 12.03 -31.97 0.75
N PRO A 453 12.62 -33.18 0.92
CA PRO A 453 13.61 -33.37 1.94
C PRO A 453 14.86 -32.47 1.86
N TYR A 454 15.30 -32.11 3.03
CA TYR A 454 16.44 -31.20 3.29
C TYR A 454 17.72 -31.78 2.70
N HIS A 455 18.52 -30.93 2.07
CA HIS A 455 19.78 -31.37 1.35
C HIS A 455 21.01 -31.26 2.25
N TRP A 456 21.28 -32.29 3.04
CA TRP A 456 22.47 -32.40 3.94
C TRP A 456 23.78 -32.53 3.14
N ASP A 457 23.76 -33.33 2.08
CA ASP A 457 25.01 -33.77 1.40
C ASP A 457 24.66 -34.39 0.04
N ASN A 458 25.63 -35.05 -0.60
CA ASN A 458 25.45 -35.58 -1.97
C ASN A 458 25.33 -37.11 -1.91
N SER A 459 25.07 -37.65 -0.73
CA SER A 459 24.81 -39.10 -0.53
C SER A 459 23.37 -39.42 -0.95
N THR A 460 22.98 -40.69 -0.86
CA THR A 460 21.62 -41.11 -1.26
C THR A 460 20.57 -40.18 -0.61
N SER A 461 19.61 -39.73 -1.43
CA SER A 461 18.46 -38.91 -0.94
C SER A 461 19.00 -37.66 -0.24
N ALA A 462 20.14 -37.15 -0.73
CA ALA A 462 20.81 -35.97 -0.17
C ALA A 462 21.11 -36.12 1.32
N GLY A 463 21.32 -37.32 1.84
CA GLY A 463 21.66 -37.50 3.27
C GLY A 463 20.49 -37.31 4.21
N PHE A 464 19.31 -36.96 3.69
CA PHE A 464 18.05 -36.93 4.48
C PHE A 464 17.75 -38.34 5.01
N SER A 465 17.95 -39.31 4.14
CA SER A 465 17.66 -40.73 4.47
C SER A 465 18.72 -41.65 3.85
N THR A 466 18.91 -42.82 4.46
CA THR A 466 19.68 -43.93 3.84
C THR A 466 18.82 -44.63 2.78
N SER A 467 17.50 -44.41 2.80
CA SER A 467 16.56 -44.98 1.81
C SER A 467 16.37 -44.05 0.62
N THR A 468 16.23 -44.60 -0.59
CA THR A 468 15.82 -43.91 -1.83
C THR A 468 14.30 -43.72 -1.85
N ASN A 469 13.56 -44.32 -0.91
CA ASN A 469 12.07 -44.22 -0.86
C ASN A 469 11.72 -43.19 0.20
N THR A 470 11.62 -41.93 -0.25
CA THR A 470 11.34 -40.75 0.61
C THR A 470 9.87 -40.34 0.45
N TRP A 471 9.30 -39.78 1.51
CA TRP A 471 7.83 -39.52 1.59
C TRP A 471 7.45 -38.50 0.51
N LEU A 472 8.38 -37.57 0.21
CA LEU A 472 8.32 -36.75 -1.02
C LEU A 472 9.63 -36.93 -1.77
N PRO A 473 9.62 -36.77 -3.11
CA PRO A 473 10.83 -36.90 -3.90
C PRO A 473 11.85 -35.84 -3.51
N VAL A 474 13.09 -36.25 -3.41
CA VAL A 474 14.27 -35.36 -3.20
C VAL A 474 14.42 -34.52 -4.46
N ALA A 475 14.58 -33.20 -4.32
CA ALA A 475 14.74 -32.31 -5.51
C ALA A 475 15.91 -32.79 -6.39
N GLU A 476 15.81 -32.56 -7.70
CA GLU A 476 16.83 -33.01 -8.69
C GLU A 476 18.17 -32.29 -8.48
N ASP A 477 18.23 -31.15 -7.79
CA ASP A 477 19.43 -30.28 -7.79
C ASP A 477 20.24 -30.50 -6.53
N TYR A 478 20.10 -31.64 -5.84
CA TYR A 478 20.76 -31.78 -4.52
C TYR A 478 22.29 -31.88 -4.70
N GLN A 479 22.74 -32.34 -5.87
CA GLN A 479 24.20 -32.49 -6.11
C GLN A 479 24.80 -31.09 -6.07
N GLU A 480 24.09 -30.12 -6.66
CA GLU A 480 24.49 -28.68 -6.78
C GLU A 480 24.22 -27.93 -5.48
N ILE A 481 23.14 -28.26 -4.76
CA ILE A 481 22.69 -27.49 -3.56
C ILE A 481 22.59 -28.42 -2.35
N ASN A 482 23.61 -28.41 -1.55
CA ASN A 482 23.59 -29.15 -0.27
C ASN A 482 24.48 -28.51 0.75
N LEU A 483 24.19 -28.76 2.03
CA LEU A 483 24.87 -28.13 3.18
C LEU A 483 26.36 -28.49 3.13
N ALA A 484 26.69 -29.77 2.95
CA ALA A 484 28.11 -30.20 3.06
C ALA A 484 28.94 -29.44 2.03
N LYS A 485 28.46 -29.35 0.79
CA LYS A 485 29.10 -28.65 -0.33
C LYS A 485 29.37 -27.21 0.10
N GLN A 486 28.38 -26.59 0.72
CA GLN A 486 28.44 -25.17 1.09
C GLN A 486 29.35 -24.91 2.30
N LYS A 487 29.60 -25.90 3.17
CA LYS A 487 30.57 -25.80 4.27
C LYS A 487 32.00 -26.01 3.74
N GLU A 488 32.18 -26.71 2.62
CA GLU A 488 33.53 -26.92 2.04
C GLU A 488 33.97 -25.71 1.17
N THR A 489 33.13 -25.32 0.22
CA THR A 489 33.52 -24.34 -0.81
C THR A 489 33.79 -23.00 -0.09
N ALA A 490 34.61 -22.15 -0.71
CA ALA A 490 35.13 -20.95 -0.05
C ALA A 490 34.00 -19.95 0.15
N ARG A 491 33.11 -19.82 -0.83
CA ARG A 491 31.96 -18.89 -0.70
C ARG A 491 30.68 -19.69 -0.83
N SER A 492 29.72 -19.45 0.04
CA SER A 492 28.42 -20.18 -0.05
C SER A 492 27.27 -19.38 0.55
N HIS A 493 26.03 -19.78 0.24
CA HIS A 493 24.88 -19.23 1.00
C HIS A 493 25.00 -19.51 2.48
N PHE A 494 25.40 -20.73 2.87
CA PHE A 494 25.50 -21.06 4.30
C PHE A 494 26.58 -20.25 5.04
N LYS A 495 27.75 -20.07 4.44
CA LYS A 495 28.81 -19.27 5.08
C LYS A 495 28.29 -17.80 5.21
N ASN A 496 27.58 -17.30 4.24
CA ASN A 496 26.96 -15.94 4.35
C ASN A 496 25.97 -15.95 5.51
N TYR A 497 25.14 -16.99 5.61
CA TYR A 497 24.15 -17.13 6.70
C TYR A 497 24.83 -17.07 8.07
N GLN A 498 25.91 -17.85 8.25
CA GLN A 498 26.70 -17.87 9.48
C GLN A 498 27.25 -16.45 9.77
N ALA A 499 27.73 -15.74 8.75
CA ALA A 499 28.37 -14.40 8.93
C ALA A 499 27.29 -13.42 9.44
N LEU A 500 26.08 -13.60 8.93
CA LEU A 500 24.91 -12.73 9.27
C LEU A 500 24.39 -13.00 10.68
N THR A 501 24.24 -14.26 11.10
CA THR A 501 23.76 -14.56 12.46
C THR A 501 24.78 -14.07 13.48
N LYS A 502 26.08 -14.16 13.16
CA LYS A 502 27.17 -13.65 14.04
C LYS A 502 27.03 -12.12 14.19
N LEU A 503 26.77 -11.45 13.07
CA LEU A 503 26.65 -9.97 13.01
C LEU A 503 25.54 -9.52 13.95
N ARG A 504 24.47 -10.33 14.16
CA ARG A 504 23.34 -9.94 15.03
C ARG A 504 23.71 -9.81 16.51
N LYS A 505 24.86 -10.35 16.93
CA LYS A 505 25.40 -10.12 18.30
C LYS A 505 25.88 -8.65 18.45
N GLN A 506 26.08 -7.91 17.37
CA GLN A 506 26.59 -6.50 17.43
C GLN A 506 25.46 -5.58 17.89
N ALA A 507 25.78 -4.66 18.81
CA ALA A 507 24.84 -3.71 19.42
C ALA A 507 24.11 -2.93 18.32
N THR A 508 24.77 -2.65 17.22
CA THR A 508 24.18 -1.87 16.10
C THR A 508 22.98 -2.64 15.55
N LEU A 509 23.00 -3.97 15.53
CA LEU A 509 21.86 -4.71 14.96
C LEU A 509 20.80 -4.93 16.03
N SER A 510 21.17 -5.16 17.29
CA SER A 510 20.16 -5.37 18.35
C SER A 510 19.50 -4.05 18.76
N HIS A 511 20.25 -2.95 18.81
CA HIS A 511 19.73 -1.67 19.35
C HIS A 511 19.79 -0.49 18.39
N GLY A 512 20.37 -0.66 17.21
CA GLY A 512 20.57 0.42 16.22
C GLY A 512 19.27 0.92 15.63
N GLU A 513 19.30 2.18 15.23
CA GLU A 513 18.25 2.72 14.34
C GLU A 513 18.36 2.09 12.96
N TYR A 514 17.36 2.38 12.11
CA TYR A 514 17.35 1.94 10.72
C TYR A 514 16.99 3.13 9.87
N ASP A 515 17.49 3.12 8.66
CA ASP A 515 17.13 4.06 7.56
C ASP A 515 17.11 3.22 6.31
N ILE A 516 16.04 3.38 5.51
CA ILE A 516 15.89 2.58 4.27
C ILE A 516 15.31 3.45 3.17
N ARG A 517 15.97 3.48 2.02
CA ARG A 517 15.44 4.16 0.82
C ARG A 517 15.99 3.49 -0.41
N ALA A 518 15.29 3.73 -1.53
CA ALA A 518 15.68 3.23 -2.87
C ALA A 518 16.64 4.28 -3.46
N LEU A 519 17.74 3.83 -4.02
CA LEU A 519 18.65 4.74 -4.79
C LEU A 519 18.21 4.85 -6.25
N SER A 520 17.51 3.85 -6.72
CA SER A 520 17.09 3.68 -8.14
C SER A 520 15.95 2.68 -8.16
N ASP A 521 15.48 2.31 -9.33
CA ASP A 521 14.43 1.27 -9.45
C ASP A 521 15.09 -0.07 -9.16
N ARG A 522 16.42 -0.15 -9.17
CA ARG A 522 17.15 -1.45 -9.11
C ARG A 522 17.75 -1.69 -7.71
N THR A 523 18.24 -0.65 -7.04
CA THR A 523 19.07 -0.77 -5.83
C THR A 523 18.45 0.01 -4.68
N PHE A 524 18.48 -0.58 -3.50
CA PHE A 524 18.12 0.14 -2.25
C PHE A 524 19.22 -0.07 -1.22
N TYR A 525 19.19 0.79 -0.21
CA TYR A 525 20.05 0.69 0.95
C TYR A 525 19.22 0.51 2.21
N LEU A 526 19.82 -0.22 3.14
CA LEU A 526 19.37 -0.28 4.54
C LEU A 526 20.58 -0.01 5.40
N VAL A 527 20.48 1.00 6.25
CA VAL A 527 21.55 1.42 7.19
C VAL A 527 21.11 1.18 8.63
N ARG A 528 21.86 0.37 9.36
CA ARG A 528 21.73 0.25 10.82
C ARG A 528 22.86 1.08 11.44
N SER A 529 22.51 2.03 12.31
CA SER A 529 23.49 2.98 12.90
C SER A 529 23.14 3.11 14.36
N LEU A 530 24.13 3.45 15.17
CA LEU A 530 24.02 3.55 16.63
C LEU A 530 25.25 4.31 17.13
N PRO A 531 25.10 5.55 17.65
CA PRO A 531 26.28 6.36 17.98
C PRO A 531 27.29 5.57 18.84
N THR A 532 28.57 5.65 18.46
CA THR A 532 29.75 5.02 19.10
C THR A 532 29.90 3.54 18.70
N HIS A 533 28.94 2.95 17.98
CA HIS A 533 29.07 1.56 17.45
C HIS A 533 29.23 1.58 15.94
N ASP A 534 29.76 0.51 15.36
CA ASP A 534 30.01 0.48 13.90
C ASP A 534 28.70 0.65 13.14
N THR A 535 28.78 1.23 11.96
CA THR A 535 27.63 1.40 11.03
C THR A 535 27.59 0.20 10.07
N TYR A 536 26.43 -0.44 9.87
CA TYR A 536 26.31 -1.52 8.86
C TYR A 536 25.33 -1.08 7.77
N VAL A 537 25.69 -1.34 6.53
CA VAL A 537 24.93 -0.90 5.33
C VAL A 537 24.70 -2.07 4.36
N LEU A 538 23.45 -2.45 4.11
CA LEU A 538 23.12 -3.32 3.00
C LEU A 538 22.96 -2.45 1.77
N LEU A 539 23.56 -2.84 0.65
CA LEU A 539 23.23 -2.33 -0.69
C LEU A 539 22.83 -3.51 -1.54
N PHE A 540 21.62 -3.51 -2.10
CA PHE A 540 21.06 -4.68 -2.81
C PHE A 540 20.46 -4.24 -4.14
N ASN A 541 20.98 -4.78 -5.23
CA ASN A 541 20.46 -4.66 -6.60
C ASN A 541 19.50 -5.83 -6.78
N VAL A 542 18.22 -5.60 -6.67
CA VAL A 542 17.20 -6.68 -6.73
C VAL A 542 16.82 -6.94 -8.20
N SER A 543 17.42 -6.20 -9.14
CA SER A 543 17.03 -6.25 -10.55
C SER A 543 17.82 -7.31 -11.29
N GLU A 544 17.51 -7.44 -12.58
CA GLU A 544 18.19 -8.39 -13.51
C GLU A 544 19.27 -7.66 -14.31
N ARG A 545 19.57 -6.41 -14.00
CA ARG A 545 20.51 -5.55 -14.75
C ARG A 545 21.52 -4.91 -13.82
N ARG A 546 22.71 -4.60 -14.34
CA ARG A 546 23.74 -3.86 -13.60
C ARG A 546 23.16 -2.48 -13.26
N ASP A 547 23.55 -1.97 -12.09
CA ASP A 547 23.16 -0.63 -11.61
C ASP A 547 24.37 0.08 -11.02
N THR A 548 24.48 1.38 -11.31
CA THR A 548 25.56 2.18 -10.70
C THR A 548 24.95 3.24 -9.80
N VAL A 549 25.39 3.26 -8.55
CA VAL A 549 24.83 4.19 -7.53
C VAL A 549 25.95 5.02 -6.93
N ASP A 550 25.50 6.15 -6.37
CA ASP A 550 26.34 7.16 -5.69
C ASP A 550 26.22 6.94 -4.20
N LEU A 551 27.27 6.43 -3.58
CA LEU A 551 27.28 6.03 -2.16
C LEU A 551 27.20 7.28 -1.27
N GLY A 552 27.48 8.46 -1.81
CA GLY A 552 27.36 9.72 -1.03
C GLY A 552 25.92 10.01 -0.68
N ARG A 553 24.96 9.34 -1.33
CA ARG A 553 23.52 9.47 -1.03
C ARG A 553 23.13 8.66 0.18
N VAL A 554 23.98 7.73 0.61
CA VAL A 554 23.66 6.83 1.72
C VAL A 554 24.02 7.48 3.04
N PRO A 555 23.08 7.63 3.96
CA PRO A 555 23.36 8.26 5.24
C PRO A 555 24.27 7.42 6.13
N HIS A 556 25.12 8.12 6.90
CA HIS A 556 25.96 7.50 7.96
C HIS A 556 27.02 6.57 7.35
N LEU A 557 27.20 6.60 6.03
CA LEU A 557 28.29 5.83 5.35
C LEU A 557 29.47 6.78 5.09
N THR A 558 30.59 6.58 5.80
CA THR A 558 31.91 7.18 5.46
C THR A 558 32.79 6.14 4.78
N LEU A 559 33.49 6.54 3.72
CA LEU A 559 34.41 5.65 2.98
C LEU A 559 35.84 6.03 3.39
N PRO A 560 36.79 5.08 3.40
CA PRO A 560 36.51 3.69 3.06
C PRO A 560 35.67 2.90 4.09
N ALA A 561 34.97 1.90 3.56
CA ALA A 561 34.23 0.90 4.32
C ALA A 561 34.66 -0.48 3.83
N THR A 562 34.41 -1.50 4.65
CA THR A 562 34.89 -2.90 4.45
C THR A 562 33.70 -3.80 4.04
N VAL A 563 33.78 -4.54 2.94
CA VAL A 563 32.77 -5.61 2.66
C VAL A 563 32.82 -6.62 3.80
N TYR A 564 31.68 -6.84 4.47
CA TYR A 564 31.53 -7.77 5.61
C TYR A 564 30.95 -9.08 5.07
N VAL A 565 30.00 -9.01 4.15
CA VAL A 565 29.37 -10.14 3.43
C VAL A 565 29.08 -9.70 2.01
N SER A 566 29.23 -10.59 1.05
CA SER A 566 28.87 -10.37 -0.35
C SER A 566 28.13 -11.61 -0.89
N SER A 567 27.18 -11.39 -1.78
CA SER A 567 26.53 -12.41 -2.63
C SER A 567 27.59 -13.32 -3.22
N ILE A 568 27.31 -14.61 -3.31
CA ILE A 568 28.32 -15.57 -3.83
C ILE A 568 28.79 -15.21 -5.23
N HIS A 569 28.04 -14.46 -6.02
CA HIS A 569 28.39 -14.13 -7.44
C HIS A 569 29.09 -12.75 -7.50
N SER A 570 29.27 -12.07 -6.37
CA SER A 570 29.88 -10.70 -6.28
C SER A 570 31.36 -10.83 -6.65
N ALA A 571 31.89 -9.89 -7.45
CA ALA A 571 33.35 -9.71 -7.67
C ALA A 571 34.03 -9.33 -6.35
N ARG A 572 33.31 -8.77 -5.38
CA ARG A 572 33.90 -8.35 -4.09
C ARG A 572 33.85 -9.52 -3.11
N LEU A 573 34.95 -9.74 -2.41
CA LEU A 573 35.14 -10.72 -1.31
C LEU A 573 35.06 -10.00 0.02
N ALA A 574 34.73 -10.71 1.08
CA ALA A 574 34.77 -10.16 2.45
C ALA A 574 36.18 -9.62 2.65
N GLY A 575 36.31 -8.51 3.35
CA GLY A 575 37.60 -7.85 3.62
C GLY A 575 37.93 -6.81 2.57
N HIS A 576 37.30 -6.86 1.38
CA HIS A 576 37.45 -5.90 0.26
C HIS A 576 37.07 -4.50 0.76
N GLU A 577 37.85 -3.48 0.35
CA GLU A 577 37.69 -2.08 0.79
C GLU A 577 36.97 -1.32 -0.31
N ILE A 578 35.82 -0.73 0.03
CA ILE A 578 35.12 0.23 -0.85
C ILE A 578 35.71 1.60 -0.57
N THR A 579 36.30 2.24 -1.59
CA THR A 579 36.98 3.56 -1.46
C THR A 579 36.27 4.61 -2.31
N SER A 580 35.83 4.26 -3.50
CA SER A 580 35.10 5.11 -4.46
C SER A 580 33.64 5.27 -4.04
N SER A 581 33.09 6.46 -4.23
CA SER A 581 31.68 6.68 -3.88
C SER A 581 30.81 6.21 -5.05
N GLN A 582 31.38 5.85 -6.19
CA GLN A 582 30.63 5.25 -7.31
C GLN A 582 30.69 3.73 -7.16
N LEU A 583 29.53 3.05 -7.15
CA LEU A 583 29.46 1.57 -6.96
C LEU A 583 28.54 0.96 -8.00
N SER A 584 29.10 0.06 -8.82
CA SER A 584 28.35 -0.76 -9.79
C SER A 584 28.09 -2.11 -9.15
N LEU A 585 26.80 -2.47 -9.12
CA LEU A 585 26.30 -3.75 -8.54
C LEU A 585 25.69 -4.56 -9.68
N GLU A 586 26.07 -5.83 -9.75
CA GLU A 586 25.57 -6.72 -10.82
C GLU A 586 24.17 -7.18 -10.38
N ALA A 587 23.36 -7.62 -11.34
CA ALA A 587 22.04 -8.20 -11.08
C ALA A 587 22.11 -9.08 -9.82
N GLY A 588 21.25 -8.80 -8.85
CA GLY A 588 21.14 -9.62 -7.62
C GLY A 588 22.22 -9.39 -6.62
N GLU A 589 23.28 -8.62 -6.92
CA GLU A 589 24.38 -8.44 -5.99
C GLU A 589 23.92 -7.69 -4.74
N ALA A 590 24.29 -8.22 -3.60
CA ALA A 590 24.11 -7.56 -2.31
C ALA A 590 25.46 -7.48 -1.58
N LEU A 591 25.74 -6.35 -0.93
CA LEU A 591 26.90 -6.20 -0.03
C LEU A 591 26.40 -5.75 1.33
N VAL A 592 26.99 -6.27 2.38
CA VAL A 592 26.96 -5.62 3.71
C VAL A 592 28.30 -4.91 3.88
N LEU A 593 28.27 -3.61 4.12
CA LEU A 593 29.48 -2.79 4.43
C LEU A 593 29.54 -2.50 5.92
N LYS A 594 30.73 -2.65 6.53
CA LYS A 594 31.02 -2.21 7.90
C LYS A 594 31.75 -0.87 7.77
N ALA A 595 31.22 0.17 8.37
CA ALA A 595 31.72 1.55 8.28
C ALA A 595 31.89 2.09 9.71
N GLN A 596 32.61 3.18 9.84
CA GLN A 596 32.96 3.74 11.17
C GLN A 596 31.68 4.13 11.88
N PRO A 597 31.72 4.11 13.23
CA PRO A 597 30.63 4.60 14.05
C PRO A 597 30.29 6.04 13.71
N ILE A 598 29.02 6.39 13.91
CA ILE A 598 28.54 7.80 13.92
C ILE A 598 28.58 8.25 15.37
N PRO B 29 28.72 27.31 13.56
CA PRO B 29 29.10 27.64 12.16
C PRO B 29 28.09 28.52 11.41
N PRO B 30 28.53 29.47 10.55
CA PRO B 30 27.60 30.28 9.75
C PRO B 30 26.75 29.39 8.83
N PRO B 31 25.50 29.77 8.54
CA PRO B 31 24.59 28.95 7.77
C PRO B 31 25.16 28.74 6.35
N THR B 32 25.17 27.51 5.88
CA THR B 32 25.58 27.13 4.51
C THR B 32 24.70 27.89 3.51
N GLU B 33 25.23 28.10 2.32
CA GLU B 33 24.54 28.76 1.20
C GLU B 33 23.88 27.65 0.37
N VAL B 34 22.79 27.98 -0.26
CA VAL B 34 22.00 27.02 -1.06
C VAL B 34 21.85 27.59 -2.47
N ILE B 35 21.82 26.73 -3.47
CA ILE B 35 21.61 27.13 -4.89
C ILE B 35 20.11 27.33 -5.12
N GLN B 36 19.68 28.48 -5.66
CA GLN B 36 18.21 28.75 -5.83
C GLN B 36 17.63 27.71 -6.79
N LEU B 37 16.48 27.15 -6.43
CA LEU B 37 15.75 26.20 -7.30
C LEU B 37 14.97 26.97 -8.36
N ASP B 38 14.83 26.38 -9.54
CA ASP B 38 13.88 26.83 -10.58
C ASP B 38 12.47 26.87 -9.96
N TRP B 39 11.70 27.87 -10.38
CA TRP B 39 10.49 28.35 -9.69
C TRP B 39 9.49 27.21 -9.49
N TRP B 40 9.45 26.26 -10.40
CA TRP B 40 8.40 25.20 -10.42
C TRP B 40 8.76 24.07 -9.45
N LYS B 41 9.98 24.02 -8.93
CA LYS B 41 10.42 22.90 -8.07
C LYS B 41 9.93 23.07 -6.65
N ASN B 42 9.56 24.27 -6.21
CA ASN B 42 9.05 24.50 -4.85
C ASN B 42 8.00 25.63 -4.80
N CYS B 43 7.26 25.84 -5.88
CA CYS B 43 6.18 26.84 -5.89
C CYS B 43 5.01 26.36 -5.01
N VAL B 44 4.32 27.33 -4.39
CA VAL B 44 2.93 27.17 -3.96
C VAL B 44 2.06 27.41 -5.18
N LEU B 45 1.35 26.35 -5.60
CA LEU B 45 0.53 26.38 -6.81
C LEU B 45 -0.93 26.36 -6.37
N TYR B 46 -1.66 27.41 -6.71
CA TYR B 46 -3.08 27.58 -6.36
C TYR B 46 -3.96 27.37 -7.59
N GLN B 47 -4.99 26.51 -7.42
CA GLN B 47 -6.01 26.23 -8.43
C GLN B 47 -7.16 27.22 -8.25
N ILE B 48 -7.33 28.09 -9.24
CA ILE B 48 -8.56 28.90 -9.35
C ILE B 48 -9.59 28.11 -10.13
N TYR B 49 -10.84 28.14 -9.68
CA TYR B 49 -12.00 27.67 -10.45
C TYR B 49 -12.73 28.94 -10.89
N PRO B 50 -12.42 29.49 -12.07
CA PRO B 50 -12.84 30.88 -12.39
C PRO B 50 -14.36 31.10 -12.20
N ARG B 51 -15.21 30.12 -12.49
CA ARG B 51 -16.68 30.32 -12.43
C ARG B 51 -17.10 30.68 -10.99
N SER B 52 -16.29 30.35 -10.01
CA SER B 52 -16.66 30.52 -8.58
C SER B 52 -15.71 31.41 -7.78
N PHE B 53 -14.72 32.02 -8.41
CA PHE B 53 -13.71 32.80 -7.66
C PHE B 53 -14.26 34.21 -7.39
N LYS B 54 -14.48 35.03 -8.40
CA LYS B 54 -14.98 36.41 -8.15
C LYS B 54 -15.81 36.86 -9.35
N ASP B 55 -17.07 37.22 -9.11
CA ASP B 55 -17.97 37.78 -10.15
C ASP B 55 -17.88 39.30 -10.13
N SER B 56 -17.36 39.88 -11.21
CA SER B 56 -17.19 41.36 -11.35
C SER B 56 -18.41 42.04 -11.90
N ASP B 57 -19.38 41.32 -12.42
CA ASP B 57 -20.40 41.98 -13.29
C ASP B 57 -21.80 41.57 -12.92
N GLY B 58 -22.00 40.87 -11.81
CA GLY B 58 -23.35 40.71 -11.23
C GLY B 58 -24.23 39.69 -11.91
N ASP B 59 -23.66 38.79 -12.72
CA ASP B 59 -24.40 37.71 -13.38
C ASP B 59 -24.35 36.42 -12.54
N GLY B 60 -23.70 36.46 -11.38
CA GLY B 60 -23.51 35.30 -10.49
C GLY B 60 -22.53 34.30 -11.03
N ILE B 61 -21.74 34.70 -12.03
CA ILE B 61 -20.73 33.82 -12.69
C ILE B 61 -19.37 34.48 -12.49
N GLY B 62 -18.41 33.72 -11.94
CA GLY B 62 -17.06 34.27 -11.80
C GLY B 62 -16.46 34.58 -13.15
N ASP B 63 -15.52 35.52 -13.19
CA ASP B 63 -15.01 36.04 -14.48
C ASP B 63 -13.58 36.53 -14.31
N LEU B 64 -12.96 36.78 -15.45
CA LEU B 64 -11.54 37.20 -15.53
C LEU B 64 -11.34 38.57 -14.88
N LYS B 65 -12.21 39.56 -15.14
CA LYS B 65 -12.08 40.85 -14.43
C LYS B 65 -12.17 40.62 -12.92
N GLY B 66 -12.95 39.63 -12.49
CA GLY B 66 -13.00 39.26 -11.06
C GLY B 66 -11.65 38.78 -10.58
N ILE B 67 -11.06 37.83 -11.30
CA ILE B 67 -9.72 37.34 -10.90
C ILE B 67 -8.72 38.51 -10.87
N ILE B 68 -8.73 39.37 -11.88
CA ILE B 68 -7.77 40.49 -11.98
C ILE B 68 -7.91 41.36 -10.72
N SER B 69 -9.14 41.61 -10.29
CA SER B 69 -9.43 42.50 -9.12
C SER B 69 -8.87 41.90 -7.84
N GLU B 70 -8.62 40.57 -7.82
CA GLU B 70 -8.12 39.90 -6.59
C GLU B 70 -6.74 39.26 -6.79
N LEU B 71 -5.98 39.58 -7.84
CA LEU B 71 -4.60 39.00 -8.00
C LEU B 71 -3.75 39.27 -6.75
N LYS B 72 -3.87 40.41 -6.09
CA LYS B 72 -3.18 40.74 -4.83
C LYS B 72 -3.38 39.66 -3.74
N HIS B 73 -4.53 38.96 -3.75
CA HIS B 73 -4.80 37.90 -2.75
C HIS B 73 -3.70 36.85 -2.83
N PHE B 74 -3.23 36.52 -4.01
CA PHE B 74 -2.16 35.46 -4.15
C PHE B 74 -0.82 35.95 -3.57
N VAL B 75 -0.58 37.24 -3.70
CA VAL B 75 0.67 37.83 -3.13
C VAL B 75 0.50 37.80 -1.59
N ASP B 76 -0.66 38.18 -1.12
CA ASP B 76 -0.97 38.23 0.35
C ASP B 76 -0.85 36.82 0.94
N ALA B 77 -1.29 35.81 0.21
CA ALA B 77 -1.37 34.42 0.67
C ALA B 77 0.00 33.76 0.59
N GLY B 78 0.95 34.25 -0.20
CA GLY B 78 2.27 33.64 -0.44
C GLY B 78 2.22 32.57 -1.53
N VAL B 79 1.26 32.68 -2.44
CA VAL B 79 1.13 31.81 -3.62
C VAL B 79 2.12 32.29 -4.68
N ASP B 80 2.83 31.37 -5.32
CA ASP B 80 3.82 31.67 -6.39
C ASP B 80 3.21 31.56 -7.79
N ALA B 81 2.22 30.67 -7.97
CA ALA B 81 1.75 30.31 -9.30
C ALA B 81 0.25 30.01 -9.20
N ILE B 82 -0.52 30.48 -10.16
CA ILE B 82 -1.97 30.17 -10.23
C ILE B 82 -2.20 29.35 -11.48
N TRP B 83 -3.03 28.30 -11.39
N TRP B 83 -3.22 28.49 -11.42
CA TRP B 83 -3.61 27.73 -12.63
CA TRP B 83 -3.63 27.65 -12.57
C TRP B 83 -5.11 28.00 -12.58
C TRP B 83 -5.15 27.72 -12.63
N MET B 84 -5.69 28.17 -13.75
CA MET B 84 -7.15 28.32 -13.88
C MET B 84 -7.71 27.06 -14.51
N SER B 85 -8.80 26.56 -13.95
CA SER B 85 -9.71 25.68 -14.67
C SER B 85 -10.15 26.34 -15.99
N PRO B 86 -10.64 25.56 -16.98
CA PRO B 86 -10.68 26.06 -18.34
C PRO B 86 -11.50 27.34 -18.51
N ILE B 87 -10.96 28.18 -19.40
CA ILE B 87 -11.55 29.52 -19.71
C ILE B 87 -11.71 29.64 -21.22
N PHE B 88 -11.49 28.57 -21.97
CA PHE B 88 -11.65 28.60 -23.44
C PHE B 88 -13.12 28.47 -23.84
N GLU B 89 -13.43 28.83 -25.10
N GLU B 89 -13.43 28.86 -25.09
CA GLU B 89 -14.83 28.78 -25.58
CA GLU B 89 -14.81 28.80 -25.62
C GLU B 89 -15.34 27.35 -25.42
C GLU B 89 -15.34 27.37 -25.42
N SER B 90 -16.56 27.22 -24.88
CA SER B 90 -17.10 25.96 -24.38
C SER B 90 -18.61 26.14 -24.29
N PRO B 91 -19.40 25.15 -24.75
CA PRO B 91 -20.82 25.10 -24.44
C PRO B 91 -21.16 24.92 -22.95
N MET B 92 -20.15 24.69 -22.11
CA MET B 92 -20.28 24.57 -20.62
C MET B 92 -21.05 23.30 -20.20
N VAL B 93 -21.15 22.27 -21.04
CA VAL B 93 -21.76 20.98 -20.64
C VAL B 93 -20.98 20.43 -19.44
N ASP B 94 -19.65 20.49 -19.48
CA ASP B 94 -18.77 20.05 -18.38
C ASP B 94 -18.01 21.27 -17.87
N PHE B 95 -18.68 22.43 -17.78
CA PHE B 95 -18.15 23.69 -17.24
C PHE B 95 -16.70 23.90 -17.70
N GLY B 96 -16.49 23.84 -19.03
CA GLY B 96 -15.23 24.31 -19.62
C GLY B 96 -14.39 23.15 -20.19
N TYR B 97 -14.60 21.93 -19.71
CA TYR B 97 -13.83 20.75 -20.14
C TYR B 97 -14.41 20.21 -21.45
N ASP B 98 -15.43 20.84 -22.02
CA ASP B 98 -15.97 20.53 -23.37
C ASP B 98 -15.67 21.76 -24.21
N ILE B 99 -14.48 21.78 -24.82
CA ILE B 99 -13.94 22.99 -25.49
C ILE B 99 -14.31 22.96 -26.97
N SER B 100 -14.95 24.02 -27.39
CA SER B 100 -15.39 24.19 -28.81
C SER B 100 -14.42 25.07 -29.60
N ASN B 101 -13.57 25.84 -28.97
CA ASN B 101 -12.47 26.58 -29.63
C ASN B 101 -11.31 26.77 -28.68
N PHE B 102 -10.21 26.11 -28.99
CA PHE B 102 -9.03 26.09 -28.11
C PHE B 102 -8.24 27.38 -28.23
N TYR B 103 -8.68 28.37 -29.00
CA TYR B 103 -7.88 29.58 -29.31
C TYR B 103 -8.60 30.85 -28.88
N ASP B 104 -9.71 30.73 -28.13
CA ASP B 104 -10.40 31.96 -27.68
C ASP B 104 -11.05 31.74 -26.31
N ILE B 105 -11.46 32.84 -25.68
CA ILE B 105 -11.92 32.90 -24.26
C ILE B 105 -13.45 32.74 -24.25
N HIS B 106 -13.95 31.94 -23.33
CA HIS B 106 -15.41 31.75 -23.12
C HIS B 106 -16.06 33.11 -22.74
N TYR B 107 -17.10 33.54 -23.45
CA TYR B 107 -17.66 34.90 -23.34
C TYR B 107 -18.11 35.17 -21.89
N GLU B 108 -18.64 34.21 -21.16
CA GLU B 108 -19.12 34.50 -19.77
C GLU B 108 -17.95 34.96 -18.89
N TYR B 109 -16.74 34.55 -19.20
CA TYR B 109 -15.57 34.90 -18.38
C TYR B 109 -14.87 36.15 -18.86
N GLY B 110 -15.01 36.49 -20.15
CA GLY B 110 -14.48 37.75 -20.68
C GLY B 110 -14.01 37.58 -22.09
N THR B 111 -13.00 38.37 -22.44
CA THR B 111 -12.45 38.37 -23.82
C THR B 111 -10.96 38.06 -23.79
N MET B 112 -10.36 37.85 -24.96
CA MET B 112 -8.90 37.73 -25.12
C MET B 112 -8.20 38.93 -24.47
N GLU B 113 -8.74 40.16 -24.61
CA GLU B 113 -8.11 41.36 -24.01
C GLU B 113 -8.03 41.21 -22.47
N ASP B 114 -9.11 40.72 -21.87
CA ASP B 114 -9.15 40.46 -20.40
C ASP B 114 -8.12 39.41 -20.00
N PHE B 115 -7.95 38.36 -20.78
CA PHE B 115 -6.94 37.31 -20.48
C PHE B 115 -5.54 37.96 -20.52
N GLU B 116 -5.29 38.77 -21.55
CA GLU B 116 -3.95 39.40 -21.73
C GLU B 116 -3.69 40.35 -20.56
N GLU B 117 -4.71 41.10 -20.16
CA GLU B 117 -4.63 41.98 -18.99
C GLU B 117 -4.29 41.14 -17.76
N LEU B 118 -4.98 40.02 -17.53
CA LEU B 118 -4.72 39.10 -16.39
C LEU B 118 -3.25 38.66 -16.41
N LEU B 119 -2.74 38.18 -17.55
CA LEU B 119 -1.34 37.73 -17.63
C LEU B 119 -0.43 38.89 -17.28
N ASP B 120 -0.69 40.08 -17.83
CA ASP B 120 0.24 41.21 -17.58
C ASP B 120 0.25 41.56 -16.10
N LYS B 121 -0.91 41.70 -15.50
CA LYS B 121 -1.04 42.14 -14.07
C LYS B 121 -0.49 41.05 -13.14
N ALA B 122 -0.70 39.80 -13.50
CA ALA B 122 -0.18 38.69 -12.69
C ALA B 122 1.36 38.69 -12.75
N HIS B 123 1.94 38.78 -13.94
CA HIS B 123 3.41 38.86 -14.12
C HIS B 123 3.99 40.05 -13.39
N GLU B 124 3.30 41.20 -13.43
CA GLU B 124 3.82 42.41 -12.76
C GLU B 124 3.90 42.16 -11.24
N LEU B 125 2.98 41.39 -10.68
CA LEU B 125 3.01 40.96 -9.27
C LEU B 125 3.95 39.80 -9.01
N GLY B 126 4.67 39.30 -10.00
CA GLY B 126 5.64 38.20 -9.85
C GLY B 126 5.04 36.81 -9.93
N LEU B 127 3.76 36.69 -10.24
CA LEU B 127 3.05 35.38 -10.27
C LEU B 127 3.30 34.66 -11.59
N LYS B 128 3.29 33.31 -11.56
CA LYS B 128 3.22 32.52 -12.79
C LYS B 128 1.76 32.18 -13.02
N VAL B 129 1.38 32.02 -14.28
CA VAL B 129 -0.01 31.66 -14.67
C VAL B 129 0.04 30.46 -15.61
N LEU B 130 -0.67 29.37 -15.25
CA LEU B 130 -0.79 28.17 -16.09
C LEU B 130 -2.24 28.02 -16.55
N LEU B 131 -2.36 27.57 -17.79
CA LEU B 131 -3.71 27.26 -18.32
C LEU B 131 -4.00 25.78 -18.26
N ASP B 132 -5.27 25.46 -18.29
CA ASP B 132 -5.77 24.10 -18.16
C ASP B 132 -6.58 23.77 -19.40
N PHE B 133 -6.37 22.59 -19.93
CA PHE B 133 -7.25 22.04 -20.96
C PHE B 133 -7.05 20.54 -20.96
N VAL B 134 -7.97 19.88 -21.65
CA VAL B 134 -8.04 18.41 -21.69
C VAL B 134 -7.71 17.96 -23.10
N PRO B 135 -6.48 17.47 -23.34
CA PRO B 135 -6.13 17.05 -24.70
C PRO B 135 -7.01 15.90 -25.22
N ASN B 136 -7.55 15.10 -24.33
CA ASN B 136 -8.24 13.86 -24.77
C ASN B 136 -9.43 14.16 -25.70
N HIS B 137 -10.10 15.30 -25.59
CA HIS B 137 -11.40 15.43 -26.28
C HIS B 137 -11.73 16.88 -26.56
N ALA B 138 -12.61 17.04 -27.54
CA ALA B 138 -13.17 18.34 -27.96
C ALA B 138 -14.70 18.31 -27.83
N SER B 139 -15.31 19.45 -27.57
CA SER B 139 -16.76 19.63 -27.74
C SER B 139 -17.22 19.15 -29.14
N ASN B 140 -18.43 18.58 -29.21
CA ASN B 140 -19.07 18.23 -30.47
C ASN B 140 -19.45 19.51 -31.21
N GLU B 141 -19.39 20.66 -30.56
CA GLU B 141 -19.66 21.96 -31.22
C GLU B 141 -18.34 22.54 -31.76
N SER B 142 -17.24 21.82 -31.64
CA SER B 142 -15.96 22.32 -32.19
C SER B 142 -16.04 22.24 -33.73
N GLU B 143 -15.33 23.12 -34.41
CA GLU B 143 -15.19 23.01 -35.90
C GLU B 143 -14.51 21.68 -36.22
N TYR B 144 -13.57 21.24 -35.41
CA TYR B 144 -12.96 19.91 -35.65
C TYR B 144 -14.04 18.84 -35.87
N PHE B 145 -14.97 18.70 -34.93
CA PHE B 145 -15.96 17.62 -34.92
C PHE B 145 -16.97 17.85 -36.03
N ILE B 146 -17.42 19.09 -36.22
CA ILE B 146 -18.41 19.39 -37.31
C ILE B 146 -17.80 18.88 -38.64
N LYS B 147 -16.55 19.21 -38.88
CA LYS B 147 -15.85 18.89 -40.14
C LYS B 147 -15.57 17.39 -40.18
N SER B 148 -15.19 16.78 -39.06
CA SER B 148 -14.90 15.34 -39.05
C SER B 148 -16.17 14.55 -39.38
N GLU B 149 -17.26 14.94 -38.76
CA GLU B 149 -18.56 14.25 -38.91
C GLU B 149 -18.97 14.34 -40.39
N ALA B 150 -18.62 15.45 -41.03
CA ALA B 150 -18.89 15.71 -42.47
C ALA B 150 -17.89 14.97 -43.37
N ARG B 151 -16.97 14.21 -42.79
CA ARG B 151 -15.84 13.57 -43.52
C ARG B 151 -15.08 14.58 -44.38
N GLU B 152 -14.97 15.84 -43.93
CA GLU B 152 -14.14 16.85 -44.62
C GLU B 152 -12.70 16.37 -44.70
N PRO B 153 -12.07 16.48 -45.88
CA PRO B 153 -10.66 16.13 -46.04
C PRO B 153 -9.81 16.83 -44.98
N GLY B 154 -8.95 16.03 -44.32
CA GLY B 154 -8.02 16.48 -43.27
C GLY B 154 -8.58 16.22 -41.89
N TYR B 155 -9.89 15.96 -41.79
CA TYR B 155 -10.61 15.88 -40.49
C TYR B 155 -11.35 14.57 -40.34
N GLU B 156 -11.52 13.78 -41.42
CA GLU B 156 -12.29 12.52 -41.36
C GLU B 156 -11.79 11.67 -40.18
N ASN B 157 -10.48 11.68 -39.90
CA ASN B 157 -9.87 10.72 -38.94
C ASN B 157 -9.38 11.46 -37.70
N PHE B 158 -9.90 12.65 -37.44
CA PHE B 158 -9.48 13.49 -36.31
C PHE B 158 -10.00 12.87 -35.01
N PHE B 159 -11.10 12.10 -35.05
CA PHE B 159 -11.73 11.48 -33.87
C PHE B 159 -11.85 10.00 -34.15
N ILE B 160 -12.14 9.24 -33.10
CA ILE B 160 -12.27 7.76 -33.17
C ILE B 160 -13.69 7.44 -33.66
N TRP B 161 -13.77 6.97 -34.92
CA TRP B 161 -15.02 6.64 -35.63
C TRP B 161 -15.04 5.12 -35.88
N ALA B 162 -16.20 4.47 -35.67
CA ALA B 162 -16.31 3.03 -35.84
C ALA B 162 -17.67 2.67 -36.44
N ASP B 163 -17.62 1.62 -37.25
CA ASP B 163 -18.83 0.92 -37.72
C ASP B 163 -19.42 0.10 -36.58
N PRO B 164 -20.73 -0.19 -36.67
CA PRO B 164 -21.35 -1.14 -35.76
C PRO B 164 -20.71 -2.52 -35.86
N LEU B 165 -20.75 -3.27 -34.76
CA LEU B 165 -20.28 -4.67 -34.72
C LEU B 165 -21.24 -5.47 -35.60
N PRO B 166 -20.74 -6.22 -36.62
CA PRO B 166 -21.59 -7.09 -37.43
C PRO B 166 -22.62 -7.80 -36.54
N ASN B 167 -23.91 -7.76 -36.92
CA ASN B 167 -24.98 -8.54 -36.23
C ASN B 167 -25.52 -9.53 -37.25
N PRO B 168 -24.86 -10.72 -37.43
CA PRO B 168 -25.33 -11.70 -38.40
C PRO B 168 -26.62 -12.40 -37.91
N GLU B 169 -26.86 -12.38 -36.59
CA GLU B 169 -27.99 -13.07 -35.94
C GLU B 169 -29.28 -12.23 -36.04
N ASN B 170 -29.21 -10.91 -35.90
CA ASN B 170 -30.39 -9.99 -36.03
C ASN B 170 -30.15 -8.92 -37.11
N PRO B 171 -29.56 -9.25 -38.27
CA PRO B 171 -29.14 -8.19 -39.21
C PRO B 171 -30.28 -7.19 -39.33
N GLY B 172 -30.16 -6.04 -38.67
CA GLY B 172 -31.27 -5.08 -38.51
C GLY B 172 -31.22 -4.37 -37.17
N VAL B 173 -30.80 -5.07 -36.10
CA VAL B 173 -30.49 -4.44 -34.78
C VAL B 173 -29.00 -4.05 -34.79
N ARG B 174 -28.74 -2.74 -34.64
CA ARG B 174 -27.39 -2.13 -34.71
C ARG B 174 -26.69 -2.35 -33.36
N LEU B 175 -25.46 -2.87 -33.36
CA LEU B 175 -24.65 -3.11 -32.13
C LEU B 175 -23.51 -2.11 -32.05
N PRO B 176 -23.21 -1.55 -30.87
CA PRO B 176 -22.02 -0.71 -30.72
C PRO B 176 -20.75 -1.51 -30.99
N PRO B 177 -19.66 -0.77 -31.31
CA PRO B 177 -18.38 -1.39 -31.65
C PRO B 177 -17.79 -2.31 -30.57
N SER B 178 -18.06 -1.98 -29.31
CA SER B 178 -17.58 -2.72 -28.12
C SER B 178 -18.41 -2.28 -26.91
N ASN B 179 -18.15 -2.92 -25.77
CA ASN B 179 -18.93 -2.76 -24.54
C ASN B 179 -18.40 -1.60 -23.69
N TRP B 180 -17.58 -0.74 -24.28
CA TRP B 180 -16.87 0.29 -23.47
C TRP B 180 -17.84 1.23 -22.78
N VAL B 181 -17.59 1.51 -21.51
CA VAL B 181 -18.45 2.37 -20.66
C VAL B 181 -17.76 3.72 -20.45
N SER B 182 -18.52 4.78 -20.62
CA SER B 182 -18.11 6.19 -20.40
C SER B 182 -17.93 6.42 -18.90
N GLN B 183 -16.92 7.20 -18.57
CA GLN B 183 -16.72 7.76 -17.21
C GLN B 183 -18.01 8.39 -16.68
N PHE B 184 -18.88 8.93 -17.53
CA PHE B 184 -20.07 9.72 -17.11
C PHE B 184 -21.32 8.86 -17.32
N GLY B 185 -21.11 7.55 -17.47
CA GLY B 185 -22.25 6.63 -17.55
C GLY B 185 -22.66 6.35 -18.98
N GLY B 186 -23.22 5.14 -19.17
CA GLY B 186 -23.67 4.68 -20.49
C GLY B 186 -22.53 4.23 -21.37
N SER B 187 -22.85 3.87 -22.59
CA SER B 187 -21.88 3.43 -23.62
C SER B 187 -20.89 4.58 -23.92
N ALA B 188 -19.62 4.26 -24.12
CA ALA B 188 -18.60 5.21 -24.62
C ALA B 188 -18.74 5.42 -26.14
N TRP B 189 -19.81 4.93 -26.78
CA TRP B 189 -19.97 4.99 -28.26
C TRP B 189 -21.31 5.63 -28.59
N GLU B 190 -21.30 6.71 -29.38
CA GLU B 190 -22.50 7.50 -29.72
C GLU B 190 -22.67 7.45 -31.24
N TRP B 191 -23.84 6.99 -31.67
CA TRP B 191 -24.18 6.95 -33.11
C TRP B 191 -24.31 8.37 -33.67
N SER B 192 -23.66 8.60 -34.79
CA SER B 192 -23.89 9.79 -35.64
C SER B 192 -24.81 9.43 -36.81
N GLU B 193 -25.96 10.08 -36.90
CA GLU B 193 -26.88 9.78 -38.02
C GLU B 193 -26.28 10.33 -39.29
N LYS B 194 -25.62 11.47 -39.18
CA LYS B 194 -25.02 12.14 -40.34
C LYS B 194 -23.95 11.27 -40.96
N ARG B 195 -23.04 10.74 -40.16
CA ARG B 195 -21.86 10.01 -40.69
C ARG B 195 -22.15 8.51 -40.78
N GLN B 196 -23.24 8.04 -40.19
CA GLN B 196 -23.58 6.60 -40.12
C GLN B 196 -22.38 5.80 -39.58
N GLN B 197 -21.78 6.29 -38.50
CA GLN B 197 -20.80 5.56 -37.66
C GLN B 197 -20.97 6.04 -36.20
N TYR B 198 -20.38 5.28 -35.29
CA TYR B 198 -20.22 5.65 -33.87
C TYR B 198 -18.91 6.46 -33.70
N TYR B 199 -18.95 7.47 -32.85
CA TYR B 199 -17.73 8.15 -32.35
C TYR B 199 -17.57 7.75 -30.88
N LEU B 200 -16.32 7.80 -30.44
CA LEU B 200 -15.96 7.43 -29.05
C LEU B 200 -16.04 8.68 -28.18
N HIS B 201 -16.59 8.50 -27.01
CA HIS B 201 -16.56 9.51 -25.94
C HIS B 201 -16.32 8.78 -24.62
N GLN B 202 -15.12 8.91 -24.07
CA GLN B 202 -14.84 8.36 -22.74
C GLN B 202 -15.57 9.23 -21.71
N PHE B 203 -15.87 10.48 -22.03
CA PHE B 203 -16.58 11.38 -21.10
C PHE B 203 -18.00 11.57 -21.60
N ALA B 204 -18.51 12.79 -21.64
CA ALA B 204 -19.90 13.08 -22.01
C ALA B 204 -20.09 12.76 -23.48
N ILE B 205 -21.32 12.49 -23.87
CA ILE B 205 -21.68 12.36 -25.31
C ILE B 205 -21.09 13.55 -26.09
N GLN B 206 -21.09 14.76 -25.51
CA GLN B 206 -20.69 16.01 -26.18
C GLN B 206 -19.16 16.14 -26.21
N GLN B 207 -18.44 15.23 -25.56
CA GLN B 207 -16.94 15.30 -25.44
C GLN B 207 -16.35 14.20 -26.32
N VAL B 208 -15.87 14.56 -27.52
CA VAL B 208 -15.50 13.53 -28.55
C VAL B 208 -13.99 13.29 -28.47
N ASP B 209 -13.59 12.02 -28.32
CA ASP B 209 -12.17 11.62 -28.17
C ASP B 209 -11.40 11.83 -29.48
N PHE B 210 -10.29 12.55 -29.41
CA PHE B 210 -9.40 12.72 -30.57
C PHE B 210 -8.69 11.40 -30.87
N ASP B 211 -8.27 11.23 -32.10
CA ASP B 211 -7.45 10.05 -32.47
C ASP B 211 -5.97 10.40 -32.29
N PHE B 212 -5.37 9.98 -31.17
CA PHE B 212 -3.99 10.39 -30.90
C PHE B 212 -2.94 9.51 -31.61
N ARG B 213 -3.39 8.70 -32.56
CA ARG B 213 -2.46 8.04 -33.54
C ARG B 213 -2.50 8.83 -34.84
N ASN B 214 -3.27 9.94 -34.88
CA ASN B 214 -3.28 10.79 -36.09
C ASN B 214 -2.23 11.87 -35.95
N PRO B 215 -1.19 11.94 -36.81
CA PRO B 215 -0.19 13.00 -36.72
C PRO B 215 -0.76 14.43 -36.73
N ALA B 216 -1.92 14.64 -37.35
CA ALA B 216 -2.56 15.96 -37.51
C ALA B 216 -3.12 16.38 -36.14
N VAL B 217 -3.60 15.39 -35.41
CA VAL B 217 -4.09 15.63 -34.00
C VAL B 217 -2.91 16.06 -33.17
N LYS B 218 -1.81 15.33 -33.21
CA LYS B 218 -0.60 15.66 -32.42
C LYS B 218 -0.11 17.05 -32.81
N GLN B 219 -0.13 17.38 -34.09
CA GLN B 219 0.37 18.69 -34.52
C GLN B 219 -0.58 19.79 -33.99
N GLU B 220 -1.88 19.55 -33.98
CA GLU B 220 -2.85 20.54 -33.50
C GLU B 220 -2.61 20.78 -32.01
N MET B 221 -2.26 19.75 -31.24
CA MET B 221 -1.98 19.96 -29.81
C MET B 221 -0.72 20.85 -29.64
N PHE B 222 0.30 20.67 -30.46
CA PHE B 222 1.49 21.54 -30.35
C PHE B 222 1.04 22.96 -30.72
N ASN B 223 0.20 23.07 -31.77
CA ASN B 223 -0.27 24.41 -32.24
C ASN B 223 -1.00 25.12 -31.11
N ILE B 224 -1.90 24.40 -30.42
CA ILE B 224 -2.65 25.04 -29.28
C ILE B 224 -1.63 25.52 -28.25
N MET B 225 -0.75 24.62 -27.79
CA MET B 225 0.21 24.99 -26.70
C MET B 225 1.08 26.16 -27.17
N LYS B 226 1.50 26.18 -28.44
CA LYS B 226 2.40 27.26 -28.87
C LYS B 226 1.63 28.60 -28.86
N PHE B 227 0.34 28.56 -29.21
CA PHE B 227 -0.53 29.79 -29.26
C PHE B 227 -0.53 30.43 -27.88
N TRP B 228 -0.78 29.64 -26.86
CA TRP B 228 -0.93 30.18 -25.49
C TRP B 228 0.43 30.54 -24.87
N LEU B 229 1.48 29.75 -25.11
CA LEU B 229 2.85 30.14 -24.63
C LEU B 229 3.23 31.47 -25.31
N ASP B 230 2.90 31.62 -26.58
CA ASP B 230 3.23 32.87 -27.27
C ASP B 230 2.49 34.03 -26.61
N LYS B 231 1.22 33.83 -26.19
CA LYS B 231 0.47 34.88 -25.40
C LYS B 231 1.18 35.18 -24.08
N GLY B 232 1.94 34.24 -23.49
CA GLY B 232 2.72 34.49 -22.28
C GLY B 232 2.39 33.53 -21.16
N ALA B 233 1.60 32.49 -21.41
CA ALA B 233 1.35 31.50 -20.32
C ALA B 233 2.67 30.90 -19.86
N ASP B 234 2.74 30.52 -18.58
CA ASP B 234 3.94 29.95 -17.98
C ASP B 234 3.86 28.42 -18.04
N GLY B 235 2.79 27.85 -18.55
CA GLY B 235 2.74 26.41 -18.77
C GLY B 235 1.29 25.96 -18.74
N PHE B 236 1.12 24.68 -18.54
CA PHE B 236 -0.19 23.98 -18.66
C PHE B 236 -0.33 22.92 -17.57
N ARG B 237 -1.60 22.78 -17.15
CA ARG B 237 -2.13 21.53 -16.61
C ARG B 237 -2.83 20.77 -17.75
N LEU B 238 -2.41 19.54 -17.97
CA LEU B 238 -2.97 18.76 -19.08
C LEU B 238 -3.81 17.65 -18.45
N ASP B 239 -5.13 17.74 -18.64
CA ASP B 239 -6.12 16.91 -17.92
C ASP B 239 -6.41 15.57 -18.59
N ALA B 240 -6.70 14.53 -17.82
CA ALA B 240 -7.40 13.28 -18.28
C ALA B 240 -6.51 12.45 -19.20
N LEU B 241 -5.20 12.53 -18.99
CA LEU B 241 -4.23 11.81 -19.84
C LEU B 241 -4.33 10.30 -19.80
N PRO B 242 -4.84 9.59 -18.77
CA PRO B 242 -4.93 8.12 -18.86
C PRO B 242 -5.80 7.62 -20.04
N TYR B 243 -6.68 8.49 -20.57
CA TYR B 243 -7.74 8.12 -21.53
C TYR B 243 -7.26 8.43 -22.95
N LEU B 244 -6.04 8.91 -23.18
CA LEU B 244 -5.69 9.38 -24.55
C LEU B 244 -5.93 8.25 -25.59
N ILE B 245 -5.34 7.10 -25.35
CA ILE B 245 -5.17 6.07 -26.40
C ILE B 245 -5.96 4.84 -25.99
N GLU B 246 -6.61 4.24 -27.00
CA GLU B 246 -7.40 3.01 -26.84
C GLU B 246 -6.85 1.96 -27.80
N ALA B 247 -7.24 0.71 -27.59
CA ALA B 247 -6.76 -0.41 -28.43
C ALA B 247 -7.00 -0.10 -29.90
N ASP B 248 -5.98 -0.40 -30.72
CA ASP B 248 -6.04 -0.25 -32.19
C ASP B 248 -6.77 -1.47 -32.75
N PRO B 249 -7.88 -1.28 -33.49
CA PRO B 249 -8.57 -2.45 -34.05
C PRO B 249 -7.71 -3.30 -34.98
N ALA B 250 -6.60 -2.78 -35.51
CA ALA B 250 -5.65 -3.53 -36.36
C ALA B 250 -5.06 -4.71 -35.56
N ASP B 251 -5.03 -4.58 -34.23
CA ASP B 251 -4.41 -5.59 -33.33
C ASP B 251 -5.47 -6.55 -32.83
N HIS B 252 -6.73 -6.41 -33.24
CA HIS B 252 -7.88 -7.21 -32.76
C HIS B 252 -8.76 -7.61 -33.96
N GLU B 253 -8.10 -7.90 -35.10
CA GLU B 253 -8.75 -8.45 -36.31
C GLU B 253 -9.84 -7.48 -36.79
N GLY B 254 -9.52 -6.19 -36.80
CA GLY B 254 -10.35 -5.07 -37.29
C GLY B 254 -11.59 -4.80 -36.44
N ARG B 255 -11.65 -5.17 -35.16
CA ARG B 255 -12.73 -4.67 -34.27
C ARG B 255 -12.12 -4.05 -33.00
N TYR B 256 -12.93 -3.23 -32.33
CA TYR B 256 -12.55 -2.67 -31.01
C TYR B 256 -12.82 -3.77 -30.01
N PRO B 257 -11.80 -4.21 -29.25
CA PRO B 257 -12.04 -5.29 -28.31
C PRO B 257 -12.86 -4.86 -27.11
N ASP B 258 -13.77 -5.72 -26.65
CA ASP B 258 -14.50 -5.57 -25.37
C ASP B 258 -13.47 -5.45 -24.25
N ASP B 259 -13.74 -4.53 -23.33
CA ASP B 259 -13.08 -4.48 -22.01
C ASP B 259 -13.56 -5.67 -21.20
N PRO B 260 -12.68 -6.29 -20.38
CA PRO B 260 -13.11 -7.35 -19.49
C PRO B 260 -14.19 -6.89 -18.49
N LEU B 261 -15.08 -7.81 -18.09
CA LEU B 261 -16.16 -7.51 -17.13
C LEU B 261 -15.61 -7.56 -15.71
N SER B 262 -16.08 -6.66 -14.83
CA SER B 262 -15.68 -6.67 -13.40
C SER B 262 -16.33 -7.87 -12.68
N GLY B 263 -17.58 -8.18 -12.99
CA GLY B 263 -18.38 -9.20 -12.28
C GLY B 263 -18.96 -8.64 -10.98
N LEU B 264 -18.76 -7.34 -10.68
CA LEU B 264 -19.31 -6.70 -9.47
C LEU B 264 -20.83 -6.51 -9.64
N THR B 265 -21.63 -7.04 -8.72
CA THR B 265 -23.10 -7.12 -8.88
C THR B 265 -23.70 -5.72 -8.71
N GLN B 266 -23.02 -4.78 -8.04
CA GLN B 266 -23.55 -3.40 -7.85
C GLN B 266 -23.55 -2.63 -9.18
N PHE B 267 -22.91 -3.14 -10.24
CA PHE B 267 -22.83 -2.42 -11.54
C PHE B 267 -23.58 -3.19 -12.65
N GLU B 268 -24.57 -2.52 -13.23
CA GLU B 268 -25.20 -2.94 -14.50
C GLU B 268 -24.35 -2.43 -15.66
N SER B 269 -24.64 -2.87 -16.89
CA SER B 269 -23.78 -2.70 -18.10
C SER B 269 -23.69 -1.23 -18.57
N HIS B 270 -24.47 -0.31 -18.00
CA HIS B 270 -24.40 1.14 -18.35
C HIS B 270 -23.67 1.90 -17.22
N GLN B 271 -23.19 1.20 -16.20
CA GLN B 271 -22.60 1.86 -15.00
C GLN B 271 -21.08 1.73 -15.02
N LEU B 272 -20.41 2.84 -14.73
CA LEU B 272 -18.95 2.85 -14.54
C LEU B 272 -18.64 1.84 -13.44
N GLY B 273 -17.82 0.85 -13.77
CA GLY B 273 -17.36 -0.19 -12.82
C GLY B 273 -17.69 -1.56 -13.36
N TYR B 274 -18.58 -1.62 -14.34
CA TYR B 274 -19.04 -2.83 -15.09
C TYR B 274 -17.90 -3.46 -15.88
N THR B 275 -17.00 -2.63 -16.40
CA THR B 275 -15.82 -3.08 -17.17
C THR B 275 -14.56 -2.74 -16.37
N ILE B 276 -13.53 -3.52 -16.60
CA ILE B 276 -12.10 -3.22 -16.32
C ILE B 276 -11.50 -2.55 -17.54
N PRO B 277 -10.96 -1.30 -17.47
CA PRO B 277 -10.56 -0.60 -18.71
C PRO B 277 -9.20 -0.99 -19.29
N LEU B 278 -9.03 -2.28 -19.58
CA LEU B 278 -7.77 -2.86 -20.11
C LEU B 278 -7.38 -2.22 -21.45
N TYR B 279 -8.37 -1.91 -22.28
CA TYR B 279 -8.14 -1.52 -23.68
C TYR B 279 -8.41 -0.03 -23.84
N THR B 280 -8.76 0.64 -22.75
CA THR B 280 -9.27 2.04 -22.84
C THR B 280 -8.58 2.99 -21.84
N LYS B 281 -7.70 2.51 -20.98
CA LYS B 281 -7.04 3.39 -19.99
C LYS B 281 -5.61 2.97 -19.78
N ASP B 282 -4.71 3.95 -19.64
CA ASP B 282 -3.29 3.76 -19.25
C ASP B 282 -2.56 2.92 -20.28
N LEU B 283 -2.88 3.02 -21.57
CA LEU B 283 -2.11 2.29 -22.62
C LEU B 283 -0.70 2.93 -22.68
N ILE B 284 0.32 2.11 -22.79
CA ILE B 284 1.74 2.61 -22.80
C ILE B 284 1.99 3.71 -23.86
N GLU B 285 1.30 3.66 -24.99
N GLU B 285 1.29 3.62 -24.99
CA GLU B 285 1.51 4.65 -26.09
CA GLU B 285 1.41 4.60 -26.11
C GLU B 285 1.12 6.06 -25.64
C GLU B 285 1.11 6.03 -25.64
N LEU B 286 0.26 6.21 -24.62
CA LEU B 286 -0.12 7.58 -24.19
C LEU B 286 1.15 8.33 -23.77
N TYR B 287 2.06 7.65 -23.10
CA TYR B 287 3.24 8.27 -22.50
C TYR B 287 4.12 8.83 -23.61
N ASP B 288 4.14 8.18 -24.80
CA ASP B 288 4.96 8.70 -25.92
C ASP B 288 4.45 10.09 -26.29
N VAL B 289 3.14 10.26 -26.21
CA VAL B 289 2.53 11.61 -26.50
C VAL B 289 3.06 12.62 -25.47
N VAL B 290 3.08 12.25 -24.19
CA VAL B 290 3.54 13.18 -23.12
C VAL B 290 5.04 13.48 -23.31
N TYR B 291 5.84 12.47 -23.64
CA TYR B 291 7.29 12.72 -23.81
C TYR B 291 7.49 13.65 -25.02
N GLU B 292 6.69 13.51 -26.06
CA GLU B 292 6.74 14.39 -27.28
C GLU B 292 6.34 15.82 -26.89
N TRP B 293 5.34 15.98 -26.00
CA TRP B 293 4.98 17.32 -25.47
C TRP B 293 6.15 17.93 -24.74
N ARG B 294 6.81 17.13 -23.89
CA ARG B 294 7.94 17.67 -23.11
C ARG B 294 9.08 18.12 -24.05
N GLU B 295 9.36 17.36 -25.10
CA GLU B 295 10.45 17.69 -26.05
C GLU B 295 10.09 19.02 -26.76
N PHE B 296 8.83 19.17 -27.12
CA PHE B 296 8.28 20.45 -27.69
C PHE B 296 8.53 21.60 -26.73
N LEU B 297 8.15 21.40 -25.46
CA LEU B 297 8.25 22.44 -24.42
C LEU B 297 9.72 22.81 -24.16
N ASP B 298 10.58 21.81 -24.06
CA ASP B 298 12.04 22.02 -23.87
C ASP B 298 12.55 22.89 -25.05
N GLU B 299 12.18 22.57 -26.30
CA GLU B 299 12.63 23.33 -27.51
C GLU B 299 12.11 24.77 -27.32
N TYR B 300 10.83 24.90 -27.00
CA TYR B 300 10.20 26.25 -26.86
C TYR B 300 10.99 27.05 -25.83
N ASN B 301 11.30 26.47 -24.67
CA ASN B 301 12.04 27.16 -23.59
C ASN B 301 13.46 27.54 -24.06
N LYS B 302 14.12 26.65 -24.79
CA LYS B 302 15.47 26.92 -25.31
C LYS B 302 15.36 28.14 -26.25
N ASN B 303 14.34 28.16 -27.11
CA ASN B 303 14.24 29.24 -28.16
C ASN B 303 13.60 30.51 -27.61
N HIS B 304 13.15 30.62 -26.37
CA HIS B 304 12.51 31.87 -25.89
C HIS B 304 13.23 32.42 -24.65
N GLY B 305 13.92 31.58 -23.90
CA GLY B 305 14.51 32.01 -22.63
C GLY B 305 13.45 32.43 -21.63
N GLY B 306 13.83 33.23 -20.64
CA GLY B 306 12.93 33.66 -19.56
C GLY B 306 12.62 32.50 -18.63
N ASP B 307 11.58 32.62 -17.81
CA ASP B 307 11.21 31.60 -16.79
C ASP B 307 10.82 30.28 -17.49
N THR B 308 11.25 29.13 -16.98
CA THR B 308 10.85 27.83 -17.57
C THR B 308 9.33 27.68 -17.66
N ARG B 309 8.83 27.29 -18.80
CA ARG B 309 7.41 26.97 -18.98
C ARG B 309 7.26 25.47 -18.75
N VAL B 310 6.17 25.04 -18.11
CA VAL B 310 6.11 23.68 -17.56
C VAL B 310 4.81 23.03 -17.94
N VAL B 311 4.80 21.70 -17.86
N VAL B 311 4.83 21.71 -17.89
CA VAL B 311 3.55 20.91 -17.99
CA VAL B 311 3.60 20.88 -17.94
C VAL B 311 3.40 20.03 -16.74
C VAL B 311 3.47 20.12 -16.62
N PHE B 312 2.26 20.17 -16.05
CA PHE B 312 1.88 19.32 -14.93
C PHE B 312 0.70 18.48 -15.37
N SER B 313 0.88 17.15 -15.36
CA SER B 313 -0.07 16.22 -15.93
C SER B 313 -1.09 15.80 -14.88
N GLN B 314 -2.32 15.53 -15.31
CA GLN B 314 -3.36 14.88 -14.47
C GLN B 314 -3.72 13.50 -15.00
N GLY B 315 -3.79 12.58 -14.07
CA GLY B 315 -4.35 11.24 -14.28
C GLY B 315 -4.43 10.50 -12.94
N TYR B 316 -5.57 9.87 -12.70
CA TYR B 316 -5.75 8.97 -11.55
C TYR B 316 -5.40 7.58 -12.11
N ALA B 317 -4.38 6.97 -11.56
CA ALA B 317 -3.89 5.65 -11.95
C ALA B 317 -3.11 5.08 -10.79
N ASN B 318 -2.68 3.84 -10.91
CA ASN B 318 -1.88 3.21 -9.85
C ASN B 318 -0.47 3.85 -9.86
N VAL B 319 0.34 3.51 -8.89
CA VAL B 319 1.63 4.15 -8.65
C VAL B 319 2.52 4.00 -9.88
N SER B 320 2.66 2.81 -10.42
CA SER B 320 3.53 2.52 -11.59
C SER B 320 3.15 3.42 -12.76
N MET B 321 1.86 3.42 -13.09
CA MET B 321 1.36 4.16 -14.26
C MET B 321 1.50 5.64 -13.97
N THR B 322 1.43 6.06 -12.70
CA THR B 322 1.48 7.51 -12.45
C THR B 322 2.94 7.98 -12.62
N MET B 323 3.90 7.19 -12.16
CA MET B 323 5.32 7.62 -12.14
C MET B 323 5.84 7.70 -13.61
N LEU B 324 5.26 6.91 -14.50
CA LEU B 324 5.65 6.90 -15.94
C LEU B 324 5.42 8.32 -16.51
N TYR B 325 4.55 9.16 -15.93
CA TYR B 325 4.39 10.54 -16.46
C TYR B 325 5.68 11.34 -16.27
N TYR B 326 6.48 11.05 -15.24
CA TYR B 326 7.78 11.75 -15.07
C TYR B 326 8.72 11.43 -16.22
N GLY B 327 8.65 10.19 -16.69
CA GLY B 327 9.60 9.63 -17.66
C GLY B 327 9.77 8.14 -17.39
N ASN B 328 10.76 7.49 -18.01
CA ASN B 328 10.88 6.01 -17.92
C ASN B 328 12.32 5.59 -17.79
N GLU B 329 12.49 4.30 -17.54
CA GLU B 329 13.80 3.62 -17.28
C GLU B 329 14.71 3.79 -18.50
N ASP B 330 14.16 4.05 -19.70
CA ASP B 330 14.95 4.21 -20.96
C ASP B 330 15.39 5.64 -21.21
N GLY B 331 15.16 6.58 -20.27
CA GLY B 331 15.65 7.97 -20.29
C GLY B 331 14.65 8.97 -20.86
N ALA B 332 13.43 8.52 -21.20
CA ALA B 332 12.34 9.41 -21.61
C ALA B 332 12.10 10.41 -20.49
N ILE B 333 11.79 11.66 -20.84
CA ILE B 333 11.40 12.71 -19.86
C ILE B 333 9.98 13.21 -20.21
N GLY B 334 9.09 13.27 -19.22
CA GLY B 334 7.68 13.57 -19.41
C GLY B 334 7.34 14.89 -18.76
N ALA B 335 6.23 14.88 -18.08
CA ALA B 335 5.75 16.08 -17.37
C ALA B 335 6.77 16.52 -16.31
N HIS B 336 6.84 17.79 -16.03
CA HIS B 336 7.58 18.33 -14.88
C HIS B 336 7.15 17.63 -13.60
N PHE B 337 5.88 17.34 -13.45
CA PHE B 337 5.43 16.28 -12.55
C PHE B 337 4.00 15.91 -12.94
N PRO B 338 3.62 14.68 -12.63
CA PRO B 338 2.21 14.29 -12.51
C PRO B 338 1.72 14.73 -11.13
N PHE B 339 0.45 15.12 -11.06
CA PHE B 339 -0.17 15.51 -9.77
C PHE B 339 -0.28 14.23 -8.93
N ASN B 340 -0.07 14.43 -7.63
CA ASN B 340 -0.14 13.40 -6.56
C ASN B 340 -1.49 13.49 -5.83
N PHE B 341 -2.46 12.63 -6.12
CA PHE B 341 -3.81 12.66 -5.50
C PHE B 341 -3.94 11.80 -4.23
N ASP B 342 -2.85 11.32 -3.70
CA ASP B 342 -2.89 10.37 -2.54
C ASP B 342 -3.72 10.91 -1.36
N PHE B 343 -3.71 12.21 -1.09
CA PHE B 343 -4.49 12.74 0.06
C PHE B 343 -5.99 12.70 -0.28
N ILE B 344 -6.36 12.61 -1.58
CA ILE B 344 -7.78 12.46 -2.02
C ILE B 344 -8.15 10.99 -2.04
N THR B 345 -7.32 10.11 -2.62
CA THR B 345 -7.68 8.74 -2.94
C THR B 345 -7.41 7.80 -1.78
N ASP B 346 -6.44 8.07 -0.95
CA ASP B 346 -5.93 7.05 0.00
C ASP B 346 -5.95 7.51 1.46
N LEU B 347 -6.33 8.75 1.71
CA LEU B 347 -6.49 9.23 3.11
C LEU B 347 -7.83 9.94 3.24
N SER B 348 -8.34 9.93 4.46
CA SER B 348 -9.64 10.52 4.78
C SER B 348 -9.76 10.60 6.30
N SER B 349 -10.93 10.99 6.78
CA SER B 349 -11.28 11.02 8.20
C SER B 349 -11.21 9.60 8.78
N LYS B 350 -11.15 8.55 7.97
CA LYS B 350 -11.03 7.14 8.47
C LYS B 350 -9.56 6.79 8.78
N SER B 351 -8.61 7.61 8.35
CA SER B 351 -7.18 7.37 8.43
C SER B 351 -6.64 7.66 9.82
N ASN B 352 -5.73 6.83 10.32
CA ASN B 352 -5.00 7.10 11.59
C ASN B 352 -3.61 7.60 11.22
N ALA B 353 -2.75 7.91 12.20
CA ALA B 353 -1.46 8.54 11.96
C ALA B 353 -0.58 7.61 11.12
N ARG B 354 -0.70 6.31 11.37
CA ARG B 354 0.14 5.30 10.66
C ARG B 354 -0.25 5.37 9.19
N ASP B 355 -1.55 5.45 8.90
CA ASP B 355 -1.98 5.57 7.47
C ASP B 355 -1.34 6.82 6.88
N PHE B 356 -1.42 7.94 7.62
CA PHE B 356 -0.92 9.23 7.08
C PHE B 356 0.55 9.06 6.69
N VAL B 357 1.34 8.44 7.58
CA VAL B 357 2.80 8.26 7.34
C VAL B 357 2.97 7.31 6.15
N TYR B 358 2.25 6.15 6.14
CA TYR B 358 2.48 5.12 5.07
C TYR B 358 2.14 5.70 3.70
N ILE B 359 1.07 6.50 3.60
CA ILE B 359 0.64 7.09 2.31
C ILE B 359 1.61 8.23 1.91
N ILE B 360 2.02 9.09 2.82
CA ILE B 360 3.03 10.14 2.51
C ILE B 360 4.29 9.49 1.97
N LEU B 361 4.66 8.34 2.52
CA LEU B 361 5.88 7.67 2.06
C LEU B 361 5.74 7.10 0.66
N ARG B 362 4.53 6.87 0.18
CA ARG B 362 4.39 6.25 -1.16
C ARG B 362 5.02 7.13 -2.24
N TRP B 363 4.61 8.40 -2.35
CA TRP B 363 5.14 9.23 -3.48
C TRP B 363 6.66 9.36 -3.33
N LEU B 364 7.13 9.52 -2.10
CA LEU B 364 8.58 9.77 -1.82
C LEU B 364 9.39 8.50 -2.11
N THR B 365 8.78 7.33 -1.97
CA THR B 365 9.48 6.05 -2.19
C THR B 365 9.52 5.75 -3.69
N TYR B 366 8.43 5.97 -4.41
CA TYR B 366 8.29 5.57 -5.84
C TYR B 366 8.74 6.64 -6.85
N MET B 367 8.79 7.91 -6.45
N MET B 367 8.80 7.89 -6.43
CA MET B 367 9.11 8.99 -7.42
CA MET B 367 9.15 8.96 -7.38
C MET B 367 10.56 8.86 -7.86
C MET B 367 10.58 8.72 -7.89
N PRO B 368 10.86 8.98 -9.17
CA PRO B 368 12.21 8.77 -9.66
C PRO B 368 13.19 9.74 -9.00
N TYR B 369 14.45 9.32 -8.97
CA TYR B 369 15.58 10.17 -8.53
C TYR B 369 15.61 11.50 -9.31
N GLY B 370 15.53 12.59 -8.59
CA GLY B 370 15.54 13.96 -9.16
C GLY B 370 14.16 14.50 -9.46
N GLY B 371 13.13 13.67 -9.32
CA GLY B 371 11.75 14.14 -9.52
C GLY B 371 11.34 15.08 -8.42
N ILE B 372 10.40 15.91 -8.75
CA ILE B 372 9.86 16.90 -7.81
C ILE B 372 8.54 16.40 -7.25
N PRO B 373 8.47 16.20 -5.91
CA PRO B 373 7.21 15.79 -5.31
C PRO B 373 6.20 16.94 -5.27
N ASN B 374 4.91 16.61 -5.27
CA ASN B 374 3.80 17.56 -5.16
C ASN B 374 2.71 16.91 -4.32
N TRP B 375 1.89 17.75 -3.71
CA TRP B 375 0.90 17.28 -2.74
C TRP B 375 -0.42 17.98 -3.01
N VAL B 376 -1.50 17.23 -3.25
CA VAL B 376 -2.80 17.81 -3.63
C VAL B 376 -3.83 17.36 -2.60
N PHE B 377 -4.52 18.31 -2.00
CA PHE B 377 -5.51 18.01 -0.95
C PHE B 377 -6.94 18.19 -1.46
N GLY B 378 -7.09 18.77 -2.63
CA GLY B 378 -8.43 18.97 -3.17
C GLY B 378 -8.37 19.52 -4.60
N ASN B 379 -9.53 19.58 -5.22
CA ASN B 379 -9.71 20.17 -6.58
C ASN B 379 -11.21 20.21 -6.85
N HIS B 380 -11.59 20.71 -8.04
CA HIS B 380 -12.98 20.83 -8.49
C HIS B 380 -13.58 19.48 -8.82
N ASP B 381 -12.84 18.35 -8.71
CA ASP B 381 -13.41 17.05 -9.06
C ASP B 381 -13.71 16.20 -7.80
N ASN B 382 -13.51 16.75 -6.59
CA ASN B 382 -13.55 15.95 -5.35
C ASN B 382 -14.13 16.84 -4.27
N ASN B 383 -14.63 16.20 -3.21
CA ASN B 383 -15.16 16.91 -2.02
C ASN B 383 -14.04 17.70 -1.37
N ARG B 384 -14.40 18.79 -0.70
CA ARG B 384 -13.39 19.71 -0.14
C ARG B 384 -12.66 19.06 1.03
N MET B 385 -11.40 19.47 1.19
N MET B 385 -11.40 19.46 1.22
CA MET B 385 -10.45 19.01 2.22
CA MET B 385 -10.47 18.91 2.22
C MET B 385 -11.08 18.83 3.59
C MET B 385 -11.12 18.81 3.60
N PRO B 386 -11.76 19.85 4.16
CA PRO B 386 -12.24 19.71 5.54
C PRO B 386 -13.49 18.80 5.62
N THR B 387 -14.13 18.57 4.49
CA THR B 387 -15.31 17.67 4.41
C THR B 387 -14.78 16.23 4.29
N ARG B 388 -13.69 15.96 3.54
CA ARG B 388 -13.15 14.58 3.41
C ARG B 388 -12.50 14.18 4.73
N PHE B 389 -11.86 15.15 5.40
CA PHE B 389 -11.22 14.96 6.73
C PHE B 389 -12.18 15.44 7.81
N ARG B 390 -11.76 16.38 8.64
CA ARG B 390 -12.66 16.96 9.66
C ARG B 390 -12.35 18.45 9.70
N HIS B 391 -13.27 19.23 10.28
CA HIS B 391 -13.11 20.69 10.40
C HIS B 391 -11.92 21.03 11.29
N ASP B 392 -11.64 20.21 12.32
CA ASP B 392 -10.56 20.49 13.29
C ASP B 392 -9.20 20.05 12.75
N MET B 393 -9.10 19.56 11.50
CA MET B 393 -7.83 19.09 10.92
C MET B 393 -7.32 20.08 9.84
N VAL B 394 -8.00 21.19 9.56
CA VAL B 394 -7.64 22.06 8.43
C VAL B 394 -6.17 22.46 8.58
N ASP B 395 -5.80 22.99 9.73
CA ASP B 395 -4.43 23.56 9.88
C ASP B 395 -3.38 22.47 9.68
N GLY B 396 -3.51 21.32 10.37
CA GLY B 396 -2.58 20.19 10.22
C GLY B 396 -2.39 19.82 8.74
N LEU B 397 -3.49 19.67 8.02
CA LEU B 397 -3.43 19.32 6.58
C LEU B 397 -2.68 20.41 5.79
N ASN B 398 -2.99 21.71 5.96
CA ASN B 398 -2.23 22.76 5.27
C ASN B 398 -0.77 22.71 5.69
N ILE B 399 -0.43 22.37 6.95
CA ILE B 399 1.00 22.29 7.34
C ILE B 399 1.67 21.13 6.60
N ILE B 400 1.02 19.99 6.47
CA ILE B 400 1.61 18.82 5.76
C ILE B 400 1.92 19.31 4.35
N ASN B 401 0.96 19.95 3.71
CA ASN B 401 1.05 20.43 2.30
C ASN B 401 2.30 21.33 2.21
N MET B 402 2.47 22.28 3.14
CA MET B 402 3.57 23.28 3.02
C MET B 402 4.93 22.79 3.50
N LEU B 403 4.97 21.80 4.42
CA LEU B 403 6.23 21.36 5.08
C LEU B 403 6.86 20.12 4.43
N LEU B 404 6.09 19.34 3.70
CA LEU B 404 6.69 18.24 2.91
C LEU B 404 7.57 18.85 1.83
N PRO B 405 8.61 18.13 1.39
CA PRO B 405 9.47 18.60 0.31
C PRO B 405 8.67 18.72 -1.00
N GLY B 406 9.07 19.70 -1.78
CA GLY B 406 8.59 19.88 -3.13
C GLY B 406 7.54 20.95 -3.23
N VAL B 407 6.47 20.64 -3.95
CA VAL B 407 5.46 21.65 -4.34
C VAL B 407 4.13 21.47 -3.59
N ALA B 408 3.62 22.54 -2.97
CA ALA B 408 2.34 22.50 -2.32
C ALA B 408 1.30 22.90 -3.36
N VAL B 409 0.19 22.16 -3.43
CA VAL B 409 -0.94 22.53 -4.32
C VAL B 409 -2.15 22.85 -3.44
N THR B 410 -2.70 24.02 -3.64
CA THR B 410 -3.85 24.55 -2.90
C THR B 410 -5.04 24.71 -3.85
N TYR B 411 -6.16 24.12 -3.47
CA TYR B 411 -7.43 24.32 -4.19
C TYR B 411 -8.19 25.48 -3.55
N GLN B 412 -8.60 26.40 -4.40
CA GLN B 412 -9.48 27.56 -4.04
C GLN B 412 -10.35 27.25 -2.81
N GLY B 413 -10.13 27.99 -1.74
CA GLY B 413 -10.89 27.87 -0.47
C GLY B 413 -10.15 27.13 0.60
N GLU B 414 -9.11 26.36 0.28
CA GLU B 414 -8.42 25.57 1.33
C GLU B 414 -7.69 26.50 2.30
N GLU B 415 -7.31 27.70 1.85
CA GLU B 415 -6.52 28.66 2.64
C GLU B 415 -7.43 29.31 3.69
N ILE B 416 -8.74 29.13 3.61
CA ILE B 416 -9.68 29.59 4.67
C ILE B 416 -10.47 28.42 5.24
N GLY B 417 -10.15 27.17 4.87
CA GLY B 417 -10.93 26.01 5.31
C GLY B 417 -12.35 25.97 4.84
N MET B 418 -12.66 26.33 3.57
CA MET B 418 -14.03 26.14 3.07
C MET B 418 -14.46 24.69 3.17
N ARG B 419 -15.74 24.49 3.47
CA ARG B 419 -16.39 23.18 3.54
C ARG B 419 -17.22 23.00 2.28
N ASP B 420 -17.54 21.77 1.95
CA ASP B 420 -18.57 21.49 0.91
C ASP B 420 -19.81 22.34 1.17
N GLY B 421 -20.30 23.01 0.15
CA GLY B 421 -21.62 23.66 0.23
C GLY B 421 -22.74 22.68 -0.04
N TYR B 422 -23.91 22.88 0.57
CA TYR B 422 -25.12 22.10 0.19
C TYR B 422 -25.62 22.55 -1.18
N VAL B 423 -25.84 21.57 -2.07
CA VAL B 423 -26.48 21.72 -3.41
C VAL B 423 -27.57 20.64 -3.55
N SER B 424 -28.80 21.11 -3.66
CA SER B 424 -30.01 20.24 -3.89
C SER B 424 -29.92 19.53 -5.25
N TRP B 425 -30.70 18.47 -5.47
CA TRP B 425 -30.87 17.87 -6.82
C TRP B 425 -31.26 18.97 -7.83
N GLU B 426 -32.24 19.78 -7.45
CA GLU B 426 -32.80 20.84 -8.33
C GLU B 426 -31.70 21.81 -8.77
N ASP B 427 -30.72 22.09 -7.92
CA ASP B 427 -29.63 23.07 -8.20
C ASP B 427 -28.40 22.37 -8.80
N THR B 428 -28.40 21.05 -8.88
CA THR B 428 -27.23 20.28 -9.37
C THR B 428 -27.10 20.52 -10.89
N VAL B 429 -25.91 20.92 -11.34
CA VAL B 429 -25.61 21.14 -12.78
C VAL B 429 -24.44 20.27 -13.23
N ASP B 430 -23.79 19.55 -12.34
CA ASP B 430 -22.68 18.65 -12.73
C ASP B 430 -23.24 17.52 -13.65
N ILE B 431 -22.83 17.52 -14.92
CA ILE B 431 -23.21 16.47 -15.88
C ILE B 431 -22.94 15.09 -15.27
N GLU B 432 -21.84 14.91 -14.54
CA GLU B 432 -21.51 13.57 -13.99
C GLU B 432 -22.64 13.10 -13.07
N ALA B 433 -23.18 14.01 -12.24
CA ALA B 433 -24.30 13.66 -11.32
C ALA B 433 -25.60 13.50 -12.08
N CYS B 434 -25.92 14.39 -13.03
CA CYS B 434 -27.14 14.32 -13.85
C CYS B 434 -27.15 13.01 -14.62
N ASN B 435 -25.99 12.56 -15.08
CA ASN B 435 -25.92 11.33 -15.90
C ASN B 435 -25.94 10.06 -15.05
N ARG B 436 -25.22 10.01 -13.93
CA ARG B 436 -24.97 8.74 -13.20
C ARG B 436 -25.96 8.63 -12.03
N GLY B 437 -26.55 9.75 -11.62
CA GLY B 437 -27.32 9.82 -10.35
C GLY B 437 -28.78 10.11 -10.60
N ASP B 438 -29.55 10.11 -9.52
CA ASP B 438 -30.98 10.53 -9.44
C ASP B 438 -31.13 11.30 -8.12
N PRO B 439 -32.32 11.85 -7.79
CA PRO B 439 -32.49 12.65 -6.57
C PRO B 439 -32.08 11.95 -5.26
N ASP B 440 -31.90 10.62 -5.26
CA ASP B 440 -31.48 9.86 -4.06
C ASP B 440 -30.00 9.50 -4.06
N THR B 441 -29.33 9.46 -5.22
CA THR B 441 -27.90 9.02 -5.33
C THR B 441 -26.94 10.17 -5.68
N TYR B 442 -27.46 11.32 -6.15
CA TYR B 442 -26.69 12.32 -6.93
C TYR B 442 -25.46 12.76 -6.11
N HIS B 443 -25.58 12.76 -4.80
CA HIS B 443 -24.51 13.21 -3.87
C HIS B 443 -23.30 12.27 -3.93
N LEU B 444 -23.49 11.01 -4.40
CA LEU B 444 -22.39 10.01 -4.58
C LEU B 444 -21.42 10.46 -5.69
N TYR B 445 -21.91 11.26 -6.63
CA TYR B 445 -21.20 11.61 -7.89
C TYR B 445 -20.93 13.11 -8.00
N SER B 446 -21.85 13.96 -7.53
CA SER B 446 -21.78 15.42 -7.82
C SER B 446 -20.46 16.01 -7.31
N ARG B 447 -19.84 16.81 -8.17
CA ARG B 447 -18.71 17.65 -7.80
C ARG B 447 -19.12 19.09 -7.44
N ASP B 448 -20.40 19.42 -7.51
CA ASP B 448 -20.92 20.82 -7.31
C ASP B 448 -20.62 21.28 -5.88
N PRO B 449 -20.72 20.43 -4.82
CA PRO B 449 -20.45 20.91 -3.45
C PRO B 449 -19.04 21.51 -3.28
N ALA B 450 -18.07 21.12 -4.11
CA ALA B 450 -16.69 21.64 -4.06
C ALA B 450 -16.51 22.83 -5.01
N ARG B 451 -17.56 23.23 -5.72
CA ARG B 451 -17.55 24.33 -6.73
C ARG B 451 -18.38 25.52 -6.29
N THR B 452 -18.86 25.51 -5.07
CA THR B 452 -19.69 26.67 -4.62
C THR B 452 -18.80 27.90 -4.51
N PRO B 453 -19.39 29.10 -4.69
CA PRO B 453 -18.61 30.31 -4.70
C PRO B 453 -17.72 30.63 -3.50
N TYR B 454 -16.56 31.23 -3.74
CA TYR B 454 -15.54 31.50 -2.72
C TYR B 454 -16.06 32.49 -1.69
N HIS B 455 -15.72 32.26 -0.43
CA HIS B 455 -16.17 33.19 0.68
C HIS B 455 -15.17 34.31 0.95
N TRP B 456 -15.36 35.46 0.29
CA TRP B 456 -14.50 36.64 0.50
C TRP B 456 -14.81 37.30 1.86
N ASP B 457 -16.08 37.36 2.19
CA ASP B 457 -16.54 38.16 3.34
C ASP B 457 -17.99 37.81 3.67
N ASN B 458 -18.64 38.58 4.57
CA ASN B 458 -20.01 38.21 5.03
C ASN B 458 -21.08 39.07 4.35
N SER B 459 -20.71 39.74 3.28
CA SER B 459 -21.64 40.52 2.42
C SER B 459 -22.51 39.58 1.58
N THR B 460 -23.38 40.17 0.77
CA THR B 460 -24.27 39.39 -0.10
C THR B 460 -23.42 38.36 -0.88
N SER B 461 -23.89 37.14 -0.91
CA SER B 461 -23.28 36.04 -1.71
C SER B 461 -21.81 35.90 -1.29
N ALA B 462 -21.50 36.11 -0.01
CA ALA B 462 -20.16 36.04 0.59
C ALA B 462 -19.16 36.92 -0.16
N GLY B 463 -19.58 38.03 -0.79
CA GLY B 463 -18.63 38.93 -1.46
C GLY B 463 -18.23 38.37 -2.82
N PHE B 464 -18.74 37.22 -3.25
CA PHE B 464 -18.40 36.60 -4.56
C PHE B 464 -19.05 37.42 -5.66
N SER B 465 -20.29 37.86 -5.40
CA SER B 465 -21.12 38.59 -6.38
C SER B 465 -21.91 39.70 -5.65
N THR B 466 -22.27 40.77 -6.36
CA THR B 466 -23.32 41.71 -5.88
C THR B 466 -24.71 41.06 -6.05
N SER B 467 -24.86 39.97 -6.83
CA SER B 467 -26.14 39.27 -7.07
C SER B 467 -26.36 38.15 -6.05
N THR B 468 -27.63 37.94 -5.63
CA THR B 468 -28.02 36.77 -4.82
C THR B 468 -28.17 35.55 -5.72
N ASN B 469 -28.33 35.71 -7.03
CA ASN B 469 -28.56 34.54 -7.92
C ASN B 469 -27.19 34.08 -8.49
N THR B 470 -26.50 33.24 -7.72
CA THR B 470 -25.19 32.68 -8.12
C THR B 470 -25.37 31.33 -8.84
N TRP B 471 -24.40 30.97 -9.69
CA TRP B 471 -24.54 29.84 -10.65
C TRP B 471 -24.65 28.52 -9.86
N LEU B 472 -23.98 28.46 -8.72
CA LEU B 472 -24.22 27.46 -7.66
C LEU B 472 -24.50 28.22 -6.39
N PRO B 473 -25.30 27.63 -5.48
CA PRO B 473 -25.63 28.30 -4.23
C PRO B 473 -24.38 28.49 -3.36
N VAL B 474 -24.34 29.63 -2.70
CA VAL B 474 -23.32 29.99 -1.69
C VAL B 474 -23.58 29.13 -0.45
N ALA B 475 -22.53 28.47 0.02
CA ALA B 475 -22.57 27.61 1.21
C ALA B 475 -23.18 28.40 2.40
N GLU B 476 -23.95 27.69 3.22
CA GLU B 476 -24.73 28.26 4.34
C GLU B 476 -23.83 28.86 5.41
N ASP B 477 -22.57 28.43 5.53
CA ASP B 477 -21.63 28.78 6.63
C ASP B 477 -20.73 29.97 6.28
N TYR B 478 -21.04 30.72 5.22
CA TYR B 478 -20.16 31.79 4.75
C TYR B 478 -19.99 32.92 5.79
N GLN B 479 -20.97 33.14 6.66
CA GLN B 479 -20.83 34.19 7.72
C GLN B 479 -19.80 33.74 8.76
N GLU B 480 -19.58 32.43 8.92
CA GLU B 480 -18.63 31.84 9.89
C GLU B 480 -17.25 31.65 9.24
N ILE B 481 -17.23 31.30 7.95
CA ILE B 481 -15.99 30.92 7.25
C ILE B 481 -15.82 31.84 6.04
N ASN B 482 -15.03 32.89 6.17
CA ASN B 482 -14.80 33.86 5.05
C ASN B 482 -13.45 34.53 5.26
N LEU B 483 -12.84 35.00 4.19
CA LEU B 483 -11.44 35.51 4.25
C LEU B 483 -11.37 36.73 5.15
N ALA B 484 -12.26 37.69 4.92
CA ALA B 484 -12.19 38.95 5.67
C ALA B 484 -12.20 38.66 7.18
N LYS B 485 -13.06 37.76 7.61
CA LYS B 485 -13.17 37.39 9.05
C LYS B 485 -11.80 36.84 9.49
N GLN B 486 -11.13 36.06 8.65
CA GLN B 486 -9.90 35.38 9.09
C GLN B 486 -8.72 36.36 9.06
N LYS B 487 -8.82 37.48 8.33
CA LYS B 487 -7.75 38.51 8.33
C LYS B 487 -7.92 39.44 9.57
N GLU B 488 -9.14 39.53 10.10
CA GLU B 488 -9.42 40.44 11.25
C GLU B 488 -9.19 39.71 12.57
N THR B 489 -9.42 38.41 12.64
CA THR B 489 -9.32 37.62 13.89
C THR B 489 -7.84 37.29 14.21
N ALA B 490 -7.50 37.13 15.49
CA ALA B 490 -6.09 37.01 15.93
C ALA B 490 -5.47 35.74 15.34
N ARG B 491 -6.26 34.70 15.40
CA ARG B 491 -5.84 33.36 14.91
C ARG B 491 -6.81 32.89 13.85
N SER B 492 -6.32 32.34 12.72
CA SER B 492 -7.24 31.87 11.66
C SER B 492 -6.50 30.88 10.76
N HIS B 493 -7.27 30.09 10.04
CA HIS B 493 -6.74 29.23 8.96
C HIS B 493 -5.90 30.09 8.00
N PHE B 494 -6.36 31.26 7.63
CA PHE B 494 -5.65 32.02 6.59
C PHE B 494 -4.32 32.50 7.18
N LYS B 495 -4.34 33.07 8.41
CA LYS B 495 -3.07 33.54 8.97
C LYS B 495 -2.08 32.38 9.12
N ASN B 496 -2.55 31.20 9.46
CA ASN B 496 -1.66 30.02 9.50
C ASN B 496 -1.11 29.71 8.09
N TYR B 497 -1.95 29.86 7.10
CA TYR B 497 -1.58 29.64 5.67
C TYR B 497 -0.42 30.59 5.31
N GLN B 498 -0.63 31.90 5.57
CA GLN B 498 0.41 32.92 5.36
C GLN B 498 1.74 32.59 6.06
N ALA B 499 1.73 32.16 7.34
CA ALA B 499 2.96 31.80 8.09
C ALA B 499 3.66 30.61 7.44
N LEU B 500 2.88 29.68 6.90
CA LEU B 500 3.46 28.48 6.26
C LEU B 500 4.07 28.83 4.90
N THR B 501 3.43 29.61 4.06
CA THR B 501 3.99 29.93 2.74
C THR B 501 5.25 30.76 2.98
N LYS B 502 5.25 31.64 3.98
CA LYS B 502 6.47 32.41 4.35
C LYS B 502 7.59 31.47 4.80
N LEU B 503 7.29 30.44 5.54
CA LEU B 503 8.29 29.47 6.05
C LEU B 503 8.98 28.79 4.88
N ARG B 504 8.28 28.66 3.75
CA ARG B 504 8.86 27.91 2.60
C ARG B 504 10.06 28.63 2.00
N LYS B 505 10.23 29.94 2.31
CA LYS B 505 11.45 30.70 1.91
C LYS B 505 12.68 30.17 2.64
N GLN B 506 12.55 29.51 3.80
CA GLN B 506 13.71 29.05 4.60
C GLN B 506 14.40 27.89 3.87
N ALA B 507 15.73 27.90 3.87
CA ALA B 507 16.55 26.83 3.26
C ALA B 507 16.11 25.45 3.80
N THR B 508 15.73 25.36 5.06
CA THR B 508 15.41 24.03 5.65
C THR B 508 14.19 23.44 4.89
N LEU B 509 13.28 24.27 4.37
CA LEU B 509 12.10 23.68 3.64
C LEU B 509 12.43 23.49 2.15
N SER B 510 13.21 24.41 1.54
CA SER B 510 13.53 24.30 0.10
C SER B 510 14.57 23.19 -0.12
N HIS B 511 15.53 22.98 0.80
CA HIS B 511 16.67 22.06 0.55
C HIS B 511 16.85 20.99 1.63
N GLY B 512 16.11 21.08 2.73
CA GLY B 512 16.25 20.18 3.88
C GLY B 512 15.87 18.74 3.58
N GLU B 513 16.43 17.85 4.38
CA GLU B 513 16.01 16.44 4.44
C GLU B 513 14.65 16.34 5.12
N TYR B 514 14.10 15.15 5.11
CA TYR B 514 12.83 14.85 5.80
C TYR B 514 12.98 13.53 6.55
N ASP B 515 12.28 13.43 7.68
CA ASP B 515 12.06 12.18 8.47
C ASP B 515 10.60 12.21 8.91
N ILE B 516 9.90 11.10 8.72
CA ILE B 516 8.47 10.98 9.04
C ILE B 516 8.19 9.60 9.63
N ARG B 517 7.64 9.61 10.83
CA ARG B 517 7.19 8.38 11.51
C ARG B 517 6.03 8.68 12.43
N ALA B 518 5.21 7.65 12.69
CA ALA B 518 4.13 7.76 13.67
C ALA B 518 4.70 7.49 15.06
N LEU B 519 4.25 8.31 16.02
CA LEU B 519 4.49 8.08 17.47
C LEU B 519 3.44 7.16 18.10
N SER B 520 2.25 7.10 17.56
CA SER B 520 1.11 6.35 18.06
C SER B 520 0.13 6.16 16.93
N ASP B 521 -1.03 5.55 17.18
CA ASP B 521 -2.08 5.48 16.15
C ASP B 521 -2.63 6.87 15.88
N ARG B 522 -2.39 7.82 16.77
CA ARG B 522 -3.06 9.13 16.74
C ARG B 522 -2.13 10.22 16.21
N THR B 523 -0.85 10.20 16.54
CA THR B 523 0.08 11.34 16.28
C THR B 523 1.26 10.90 15.39
N PHE B 524 1.61 11.70 14.39
CA PHE B 524 2.91 11.53 13.69
C PHE B 524 3.73 12.80 13.79
N TYR B 525 5.02 12.65 13.49
CA TYR B 525 5.94 13.76 13.29
C TYR B 525 6.38 13.82 11.82
N LEU B 526 6.68 15.03 11.35
CA LEU B 526 7.47 15.28 10.14
C LEU B 526 8.55 16.30 10.52
N VAL B 527 9.79 15.93 10.31
CA VAL B 527 10.97 16.77 10.66
C VAL B 527 11.66 17.17 9.36
N ARG B 528 11.78 18.48 9.12
CA ARG B 528 12.73 18.94 8.08
C ARG B 528 14.00 19.44 8.76
N SER B 529 15.12 19.06 8.24
CA SER B 529 16.39 19.38 8.89
C SER B 529 17.44 19.59 7.83
N LEU B 530 18.44 20.39 8.20
CA LEU B 530 19.50 20.73 7.26
C LEU B 530 20.63 21.31 8.08
N PRO B 531 21.83 20.72 8.03
CA PRO B 531 22.90 21.23 8.90
C PRO B 531 23.11 22.74 8.74
N THR B 532 23.29 23.40 9.89
CA THR B 532 23.53 24.85 10.12
C THR B 532 22.26 25.67 9.97
N HIS B 533 21.12 25.05 9.62
CA HIS B 533 19.80 25.74 9.49
C HIS B 533 18.85 25.24 10.57
N ASP B 534 17.89 26.09 10.97
CA ASP B 534 16.84 25.75 11.94
C ASP B 534 16.14 24.44 11.52
N THR B 535 15.84 23.66 12.53
CA THR B 535 14.98 22.47 12.35
C THR B 535 13.53 22.86 12.49
N TYR B 536 12.68 22.30 11.64
CA TYR B 536 11.21 22.48 11.72
C TYR B 536 10.53 21.15 11.89
N VAL B 537 9.60 21.09 12.83
CA VAL B 537 8.95 19.81 13.18
C VAL B 537 7.43 20.03 13.13
N LEU B 538 6.71 19.20 12.40
CA LEU B 538 5.24 19.03 12.53
C LEU B 538 4.95 17.94 13.53
N LEU B 539 4.10 18.21 14.52
CA LEU B 539 3.38 17.17 15.28
C LEU B 539 1.91 17.33 14.98
N PHE B 540 1.24 16.25 14.72
CA PHE B 540 -0.16 16.27 14.27
C PHE B 540 -0.89 15.08 14.85
N ASN B 541 -1.86 15.38 15.68
CA ASN B 541 -2.81 14.40 16.21
C ASN B 541 -3.98 14.32 15.24
N VAL B 542 -3.98 13.33 14.35
CA VAL B 542 -5.01 13.23 13.29
C VAL B 542 -6.29 12.56 13.80
N SER B 543 -6.30 12.12 15.07
CA SER B 543 -7.42 11.35 15.66
C SER B 543 -8.47 12.25 16.31
N GLU B 544 -9.54 11.58 16.76
N GLU B 544 -9.55 11.63 16.78
CA GLU B 544 -10.71 12.18 17.44
CA GLU B 544 -10.66 12.35 17.46
C GLU B 544 -10.52 12.14 18.95
C GLU B 544 -10.43 12.36 18.96
N ARG B 545 -9.32 11.77 19.41
CA ARG B 545 -9.03 11.56 20.86
C ARG B 545 -7.73 12.30 21.21
N ARG B 546 -7.58 12.73 22.47
CA ARG B 546 -6.35 13.35 22.96
C ARG B 546 -5.23 12.31 22.91
N ASP B 547 -3.97 12.75 22.84
CA ASP B 547 -2.82 11.85 22.77
C ASP B 547 -1.66 12.50 23.48
N THR B 548 -0.88 11.70 24.18
CA THR B 548 0.33 12.19 24.85
C THR B 548 1.52 11.47 24.27
N VAL B 549 2.53 12.24 23.88
CA VAL B 549 3.69 11.67 23.16
C VAL B 549 4.94 12.12 23.90
N ASP B 550 5.98 11.33 23.71
CA ASP B 550 7.36 11.60 24.14
C ASP B 550 8.16 12.26 23.03
N LEU B 551 8.39 13.56 23.12
CA LEU B 551 9.17 14.33 22.11
C LEU B 551 10.63 13.87 22.02
N GLY B 552 11.14 13.12 23.00
CA GLY B 552 12.48 12.53 22.91
C GLY B 552 12.59 11.53 21.77
N ARG B 553 11.47 10.99 21.31
CA ARG B 553 11.42 10.07 20.16
C ARG B 553 11.60 10.82 18.85
N VAL B 554 11.50 12.13 18.83
CA VAL B 554 11.51 12.88 17.54
C VAL B 554 12.95 13.22 17.20
N PRO B 555 13.48 12.77 16.05
CA PRO B 555 14.89 13.03 15.71
C PRO B 555 15.11 14.52 15.44
N HIS B 556 16.31 15.03 15.79
CA HIS B 556 16.77 16.40 15.49
C HIS B 556 16.00 17.45 16.30
N LEU B 557 15.18 17.04 17.25
CA LEU B 557 14.40 18.02 18.07
C LEU B 557 15.08 18.18 19.41
N THR B 558 15.73 19.31 19.65
CA THR B 558 16.20 19.63 21.02
C THR B 558 15.30 20.69 21.62
N LEU B 559 15.06 20.53 22.91
CA LEU B 559 14.17 21.41 23.68
C LEU B 559 15.10 22.32 24.49
N PRO B 560 14.72 23.57 24.80
CA PRO B 560 13.44 24.15 24.35
C PRO B 560 13.35 24.44 22.84
N ALA B 561 12.14 24.35 22.30
CA ALA B 561 11.82 24.72 20.90
C ALA B 561 10.65 25.68 20.96
N THR B 562 10.43 26.42 19.89
CA THR B 562 9.41 27.50 19.87
C THR B 562 8.27 27.15 18.91
N VAL B 563 7.03 27.39 19.32
CA VAL B 563 5.86 27.16 18.43
C VAL B 563 5.93 28.22 17.34
N TYR B 564 6.06 27.79 16.08
CA TYR B 564 6.04 28.71 14.89
C TYR B 564 4.60 28.90 14.41
N VAL B 565 3.86 27.79 14.31
CA VAL B 565 2.43 27.80 13.90
C VAL B 565 1.70 26.81 14.80
N SER B 566 0.49 27.15 15.23
CA SER B 566 -0.42 26.20 15.87
C SER B 566 -1.80 26.25 15.25
N SER B 567 -2.49 25.12 15.25
N SER B 567 -2.47 25.11 15.24
CA SER B 567 -3.91 25.00 14.84
CA SER B 567 -3.91 24.96 14.94
C SER B 567 -4.77 25.96 15.69
C SER B 567 -4.69 26.09 15.65
N ILE B 568 -5.82 26.50 15.09
CA ILE B 568 -6.57 27.65 15.68
C ILE B 568 -7.16 27.36 17.07
N HIS B 569 -7.27 26.10 17.48
CA HIS B 569 -7.82 25.81 18.84
C HIS B 569 -6.78 25.17 19.72
N SER B 570 -5.51 25.24 19.35
CA SER B 570 -4.39 24.79 20.20
C SER B 570 -4.35 25.67 21.47
N ALA B 571 -3.99 25.04 22.58
CA ALA B 571 -3.64 25.79 23.82
C ALA B 571 -2.36 26.61 23.60
N ARG B 572 -1.52 26.28 22.61
CA ARG B 572 -0.23 26.96 22.40
C ARG B 572 -0.38 28.00 21.29
N LEU B 573 0.09 29.21 21.57
CA LEU B 573 0.21 30.27 20.55
C LEU B 573 1.61 30.27 19.95
N ALA B 574 1.69 30.79 18.75
CA ALA B 574 2.98 31.16 18.13
C ALA B 574 3.81 31.97 19.11
N GLY B 575 5.08 31.61 19.22
CA GLY B 575 6.00 32.20 20.23
C GLY B 575 6.06 31.43 21.54
N HIS B 576 5.05 30.64 21.93
CA HIS B 576 5.06 29.69 23.08
C HIS B 576 6.30 28.79 23.01
N GLU B 577 6.95 28.55 24.15
CA GLU B 577 8.13 27.65 24.22
C GLU B 577 7.69 26.28 24.72
N ILE B 578 8.16 25.22 24.05
CA ILE B 578 7.99 23.80 24.48
C ILE B 578 9.28 23.43 25.23
N THR B 579 9.15 23.17 26.54
CA THR B 579 10.28 22.85 27.45
C THR B 579 10.19 21.39 27.89
N SER B 580 9.00 20.80 28.05
CA SER B 580 8.84 19.42 28.58
C SER B 580 8.91 18.43 27.42
N SER B 581 9.42 17.24 27.65
CA SER B 581 9.44 16.16 26.62
C SER B 581 8.09 15.45 26.53
N GLN B 582 7.18 15.65 27.47
CA GLN B 582 5.82 15.05 27.45
C GLN B 582 4.91 16.10 26.83
N LEU B 583 4.24 15.78 25.72
CA LEU B 583 3.31 16.74 25.07
C LEU B 583 1.94 16.07 24.89
N SER B 584 0.88 16.69 25.42
CA SER B 584 -0.54 16.29 25.20
C SER B 584 -1.07 17.11 24.03
N LEU B 585 -1.52 16.45 22.96
CA LEU B 585 -2.17 17.09 21.79
C LEU B 585 -3.65 16.73 21.83
N GLU B 586 -4.48 17.74 21.64
CA GLU B 586 -5.94 17.59 21.46
C GLU B 586 -6.21 16.91 20.13
N ALA B 587 -7.39 16.33 20.01
CA ALA B 587 -7.88 15.80 18.71
C ALA B 587 -7.68 16.87 17.65
N GLY B 588 -7.02 16.54 16.51
CA GLY B 588 -6.88 17.48 15.40
C GLY B 588 -5.73 18.46 15.59
N GLU B 589 -5.18 18.58 16.81
CA GLU B 589 -4.16 19.62 17.11
C GLU B 589 -2.89 19.39 16.27
N ALA B 590 -2.39 20.44 15.69
CA ALA B 590 -1.11 20.44 15.02
C ALA B 590 -0.24 21.60 15.48
N LEU B 591 1.05 21.32 15.56
CA LEU B 591 2.08 22.32 15.90
C LEU B 591 3.20 22.24 14.89
N VAL B 592 3.70 23.39 14.48
CA VAL B 592 5.03 23.49 13.86
C VAL B 592 6.01 24.06 14.88
N LEU B 593 7.05 23.31 15.21
CA LEU B 593 8.10 23.80 16.15
C LEU B 593 9.32 24.22 15.38
N LYS B 594 9.93 25.31 15.83
CA LYS B 594 11.24 25.82 15.36
C LYS B 594 12.26 25.42 16.40
N ALA B 595 13.25 24.62 16.01
CA ALA B 595 14.27 24.07 16.93
C ALA B 595 15.65 24.43 16.38
N GLN B 596 16.66 24.35 17.24
CA GLN B 596 18.05 24.72 16.86
C GLN B 596 18.53 23.85 15.69
N PRO B 597 19.47 24.37 14.86
CA PRO B 597 20.05 23.62 13.75
C PRO B 597 20.70 22.34 14.28
N ILE B 598 20.74 21.33 13.42
CA ILE B 598 21.64 20.15 13.54
C ILE B 598 22.94 20.50 12.82
MG MG C . 12.16 -41.97 9.80
CA CA D . -13.31 -21.76 13.67
MG MG E . -1.20 -21.64 -1.39
C2 BGC F . -0.79 -24.66 8.77
C3 BGC F . -1.15 -25.17 7.39
C4 BGC F . -2.46 -26.02 7.53
C5 BGC F . -3.47 -25.07 8.13
C6 BGC F . -4.89 -25.71 8.40
C1 BGC F . -1.83 -23.85 9.45
O2 BGC F . 0.36 -23.81 8.80
O3 BGC F . -0.07 -25.92 6.86
O4 BGC F . -2.82 -26.59 6.30
O5 BGC F . -3.12 -24.55 9.38
O6 BGC F . -4.72 -26.87 9.26
C1 FRU G . -3.95 -20.79 7.28
C2 FRU G . -2.92 -21.38 6.27
C3 FRU G . -2.51 -20.44 5.13
C4 FRU G . -3.50 -20.73 4.01
C5 FRU G . -3.72 -22.21 4.17
C6 FRU G . -2.75 -23.11 3.39
O1 FRU G . -3.59 -19.56 7.97
O2 FRU G . -1.71 -21.78 6.92
O3 FRU G . -1.15 -20.70 4.73
O4 FRU G . -4.70 -19.96 4.23
O5 FRU G . -3.53 -22.50 5.59
O6 FRU G . -2.64 -22.90 1.98
C1 BDF H . -14.58 -12.93 25.71
C2 BDF H . -15.03 -13.51 24.38
C3 BDF H . -16.30 -14.39 24.46
C4 BDF H . -16.62 -15.01 23.09
C5 BDF H . -15.42 -15.78 22.55
C6 BDF H . -14.19 -14.88 22.59
O1 BDF H . -14.09 -13.96 26.57
O2 BDF H . -15.28 -12.41 23.52
O3 BDF H . -17.39 -13.57 24.90
O4 BDF H . -17.78 -15.87 23.15
O5 BDF H . -15.17 -16.95 23.34
O6 BDF H . -13.94 -14.33 23.90
C ACT I . 4.50 -19.24 9.48
O ACT I . 4.37 -19.75 8.38
OXT ACT I . 3.60 -19.29 10.41
CH3 ACT I . 5.88 -18.53 9.72
MG MG J . 18.52 10.30 10.14
MG MG K . -19.60 37.52 -13.82
CA CA L . -8.94 9.03 -25.96
MG MG M . -16.11 11.53 -8.28
C2 BGC N . -11.24 17.68 -15.51
C3 BGC N . -12.61 17.18 -15.12
C4 BGC N . -13.47 16.90 -16.35
C5 BGC N . -12.72 15.76 -17.10
C6 BGC N . -13.36 15.30 -18.40
C1 BGC N . -10.56 16.61 -16.37
O2 BGC N . -10.46 17.94 -14.30
O3 BGC N . -13.28 18.15 -14.27
O4 BGC N . -14.84 16.47 -16.05
O5 BGC N . -11.39 16.24 -17.39
O6 BGC N . -13.38 16.40 -19.31
C1 FRU O . -10.30 12.39 -15.16
C2 FRU O . -11.14 13.23 -14.14
C3 FRU O . -11.13 12.49 -12.81
C4 FRU O . -12.36 11.56 -12.86
C5 FRU O . -13.34 12.38 -13.64
C6 FRU O . -14.25 13.36 -12.82
O1 FRU O . -8.90 12.35 -14.92
O2 FRU O . -10.69 14.53 -13.93
O3 FRU O . -11.37 13.36 -11.65
O4 FRU O . -12.01 10.32 -13.55
O5 FRU O . -12.57 13.19 -14.48
O6 FRU O . -15.04 12.54 -11.93
C1 BDF P . 5.04 7.45 -31.11
C2 BDF P . 3.63 6.96 -30.81
C3 BDF P . 2.83 6.68 -32.10
C4 BDF P . 1.40 6.28 -31.75
C5 BDF P . 0.75 7.38 -30.91
C6 BDF P . 1.62 7.64 -29.68
O1 BDF P . 5.05 8.67 -31.82
O2 BDF P . 3.77 5.80 -30.01
O3 BDF P . 3.43 5.63 -32.87
O4 BDF P . 0.69 6.03 -32.97
O5 BDF P . 0.64 8.59 -31.65
O6 BDF P . 2.97 8.00 -30.05
C ACT Q . -5.80 18.46 -10.32
O ACT Q . -5.48 18.14 -11.49
OXT ACT Q . -6.93 18.22 -9.83
CH3 ACT Q . -4.72 19.09 -9.43
#